data_7E4W
#
_entry.id   7E4W
#
_cell.length_a   49.012
_cell.length_b   166.844
_cell.length_c   108.309
_cell.angle_alpha   90.000
_cell.angle_beta   93.270
_cell.angle_gamma   90.000
#
_symmetry.space_group_name_H-M   'P 1 21 1'
#
loop_
_entity.id
_entity.type
_entity.pdbx_description
1 polymer 'Activated RNA polymerase II transcriptional coactivator p15'
2 water water
#
_entity_poly.entity_id   1
_entity_poly.type   'polypeptide(L)'
_entity_poly.pdbx_seq_one_letter_code
;AMFQIGKMRYVSVRDFKGKVLIDIREYWMDPEGEMKPGRKGISLNPEQWSQLKEQISDIDDAVRKL
;
_entity_poly.pdbx_strand_id   A,B,C,D,E,F,G,H,I,J,K,L,M,N,O,P
#
# COMPACT_ATOMS: atom_id res chain seq x y z
N ALA A 1 32.74 -8.42 22.20
CA ALA A 1 31.32 -8.48 21.69
C ALA A 1 30.88 -7.11 21.11
N MET A 2 29.87 -6.45 21.69
CA MET A 2 29.12 -5.37 21.02
C MET A 2 29.21 -4.08 21.80
N PHE A 3 29.10 -2.96 21.07
CA PHE A 3 29.25 -1.61 21.63
C PHE A 3 28.27 -0.71 20.92
N GLN A 4 27.29 -0.21 21.67
CA GLN A 4 26.19 0.51 21.08
C GLN A 4 26.53 1.95 20.82
N ILE A 5 26.16 2.44 19.64
CA ILE A 5 26.39 3.85 19.33
C ILE A 5 25.10 4.62 18.97
N GLY A 6 23.98 3.94 18.88
CA GLY A 6 22.71 4.60 18.69
C GLY A 6 21.63 3.54 18.81
N LYS A 7 20.38 3.98 18.69
CA LYS A 7 19.27 3.04 18.64
C LYS A 7 19.58 2.25 17.36
N MET A 8 19.63 0.94 17.53
CA MET A 8 19.78 0.01 16.40
C MET A 8 21.14 0.03 15.70
N ARG A 9 22.15 0.64 16.32
CA ARG A 9 23.49 0.74 15.71
C ARG A 9 24.62 0.28 16.64
N TYR A 10 25.43 -0.66 16.16
CA TYR A 10 26.49 -1.23 16.98
C TYR A 10 27.82 -1.36 16.23
N VAL A 11 28.88 -1.13 16.98
CA VAL A 11 30.22 -1.57 16.63
C VAL A 11 30.37 -2.99 17.24
N SER A 12 30.79 -3.96 16.44
CA SER A 12 30.97 -5.31 16.89
C SER A 12 32.43 -5.69 16.66
N VAL A 13 33.05 -6.32 17.65
CA VAL A 13 34.40 -6.90 17.49
C VAL A 13 34.23 -8.42 17.50
N ARG A 14 34.60 -9.05 16.40
CA ARG A 14 34.46 -10.48 16.23
C ARG A 14 35.70 -11.05 15.54
N ASP A 15 35.93 -12.35 15.76
CA ASP A 15 36.88 -13.13 14.99
C ASP A 15 36.08 -13.86 13.87
N PHE A 16 36.40 -13.58 12.62
CA PHE A 16 35.73 -14.24 11.48
C PHE A 16 36.80 -14.84 10.59
N LYS A 17 36.64 -16.13 10.29
CA LYS A 17 37.62 -16.92 9.55
C LYS A 17 39.08 -16.65 9.93
N GLY A 18 39.42 -16.63 11.22
CA GLY A 18 40.82 -16.42 11.65
C GLY A 18 41.28 -14.97 11.86
N LYS A 19 40.45 -14.01 11.41
CA LYS A 19 40.83 -12.60 11.35
C LYS A 19 39.84 -11.71 12.13
N VAL A 20 40.38 -10.66 12.74
CA VAL A 20 39.67 -9.78 13.64
C VAL A 20 39.04 -8.64 12.84
N LEU A 21 37.81 -8.31 13.18
CA LEU A 21 37.03 -7.31 12.45
C LEU A 21 36.30 -6.38 13.39
N ILE A 22 36.48 -5.09 13.15
CA ILE A 22 35.75 -4.06 13.83
C ILE A 22 34.63 -3.65 12.87
N ASP A 23 33.39 -3.92 13.25
CA ASP A 23 32.26 -3.80 12.33
C ASP A 23 31.27 -2.75 12.82
N ILE A 24 31.15 -1.66 12.07
CA ILE A 24 30.25 -0.55 12.40
C ILE A 24 28.99 -0.67 11.53
N ARG A 25 27.82 -0.84 12.14
CA ARG A 25 26.67 -1.35 11.40
C ARG A 25 25.27 -1.05 12.01
N GLU A 26 24.27 -0.89 11.12
CA GLU A 26 22.83 -0.92 11.48
C GLU A 26 22.29 -2.31 11.76
N TYR A 27 21.43 -2.47 12.74
CA TYR A 27 20.78 -3.76 13.03
C TYR A 27 19.25 -3.67 12.97
N TRP A 28 18.61 -4.75 12.51
CA TRP A 28 17.15 -4.96 12.65
C TRP A 28 16.92 -5.76 13.92
N MET A 29 15.70 -5.67 14.48
CA MET A 29 15.24 -6.64 15.52
C MET A 29 14.24 -7.62 14.92
N ASP A 30 14.51 -8.91 15.08
CA ASP A 30 13.63 -9.94 14.54
C ASP A 30 12.46 -10.18 15.50
N PRO A 31 11.44 -10.95 15.06
CA PRO A 31 10.28 -11.27 15.92
C PRO A 31 10.56 -11.97 17.26
N GLU A 32 11.71 -12.66 17.37
CA GLU A 32 12.16 -13.28 18.63
C GLU A 32 12.94 -12.28 19.50
N GLY A 33 12.95 -11.00 19.12
CA GLY A 33 13.63 -9.93 19.87
C GLY A 33 15.15 -9.90 19.73
N GLU A 34 15.70 -10.69 18.82
CA GLU A 34 17.13 -10.79 18.57
C GLU A 34 17.54 -9.75 17.54
N MET A 35 18.69 -9.10 17.79
CA MET A 35 19.26 -8.12 16.87
C MET A 35 19.95 -8.85 15.73
N LYS A 36 19.71 -8.40 14.50
CA LYS A 36 20.28 -9.03 13.32
C LYS A 36 20.89 -7.97 12.44
N PRO A 37 22.06 -8.25 11.88
CA PRO A 37 22.79 -7.24 11.14
C PRO A 37 22.12 -6.88 9.83
N GLY A 38 21.95 -5.57 9.61
CA GLY A 38 21.42 -5.01 8.37
C GLY A 38 22.51 -4.81 7.34
N ARG A 39 22.14 -4.45 6.12
CA ARG A 39 23.15 -4.35 5.09
C ARG A 39 23.94 -3.03 5.09
N LYS A 40 23.45 -2.00 5.77
CA LYS A 40 24.17 -0.72 5.94
C LYS A 40 25.20 -0.79 7.09
N GLY A 41 26.45 -1.08 6.74
CA GLY A 41 27.55 -1.22 7.69
C GLY A 41 28.89 -1.37 6.97
N ILE A 42 29.98 -1.51 7.72
CA ILE A 42 31.30 -1.75 7.14
C ILE A 42 32.16 -2.56 8.14
N SER A 43 32.88 -3.56 7.62
CA SER A 43 33.88 -4.29 8.40
C SER A 43 35.29 -3.75 8.15
N LEU A 44 35.92 -3.29 9.23
CA LEU A 44 37.28 -2.78 9.21
C LEU A 44 38.19 -3.81 9.85
N ASN A 45 39.41 -3.94 9.34
CA ASN A 45 40.43 -4.72 10.01
C ASN A 45 41.12 -3.80 11.00
N PRO A 46 41.94 -4.35 11.88
CA PRO A 46 42.56 -3.50 12.91
C PRO A 46 43.44 -2.35 12.39
N GLU A 47 44.06 -2.52 11.23
CA GLU A 47 44.89 -1.44 10.66
C GLU A 47 44.03 -0.28 10.18
N GLN A 48 42.93 -0.61 9.51
CA GLN A 48 41.95 0.37 9.08
C GLN A 48 41.32 1.10 10.27
N TRP A 49 41.01 0.32 11.31
CA TRP A 49 40.51 0.85 12.56
C TRP A 49 41.53 1.82 13.16
N SER A 50 42.79 1.42 13.16
CA SER A 50 43.85 2.31 13.63
C SER A 50 43.89 3.64 12.87
N GLN A 51 43.78 3.55 11.56
CA GLN A 51 43.79 4.74 10.73
C GLN A 51 42.61 5.64 11.02
N LEU A 52 41.47 5.02 11.30
CA LEU A 52 40.28 5.78 11.68
C LEU A 52 40.54 6.58 12.95
N LYS A 53 41.04 5.89 13.96
CA LYS A 53 41.41 6.51 15.24
C LYS A 53 42.38 7.65 15.09
N GLU A 54 43.43 7.41 14.32
CA GLU A 54 44.46 8.40 14.12
C GLU A 54 43.92 9.71 13.51
N GLN A 55 42.80 9.62 12.78
CA GLN A 55 42.22 10.76 12.09
C GLN A 55 41.01 11.36 12.82
N ILE A 56 40.79 10.96 14.07
CA ILE A 56 39.61 11.44 14.79
C ILE A 56 39.64 12.96 14.96
N SER A 57 40.79 13.48 15.34
CA SER A 57 41.01 14.92 15.43
C SER A 57 40.62 15.68 14.16
N ASP A 58 41.07 15.17 13.01
CA ASP A 58 40.80 15.81 11.71
C ASP A 58 39.31 15.74 11.35
N ILE A 59 38.71 14.57 11.63
CA ILE A 59 37.27 14.34 11.44
C ILE A 59 36.47 15.31 12.28
N ASP A 60 36.80 15.37 13.57
CA ASP A 60 36.18 16.29 14.51
C ASP A 60 36.27 17.73 14.07
N ASP A 61 37.42 18.16 13.57
CA ASP A 61 37.61 19.52 13.03
C ASP A 61 36.59 19.80 11.96
N ALA A 62 36.50 18.89 10.99
CA ALA A 62 35.59 19.04 9.87
C ALA A 62 34.16 19.11 10.36
N VAL A 63 33.79 18.25 11.32
CA VAL A 63 32.43 18.25 11.86
C VAL A 63 32.13 19.56 12.58
N ARG A 64 33.12 20.11 13.29
CA ARG A 64 32.95 21.36 14.07
C ARG A 64 32.72 22.54 13.16
N LYS A 65 33.37 22.54 12.00
CA LYS A 65 33.17 23.59 10.99
C LYS A 65 31.78 23.57 10.35
N LEU A 66 30.88 22.76 10.86
CA LEU A 66 29.49 22.70 10.44
C LEU A 66 28.62 22.80 11.72
N ALA B 1 35.75 17.30 4.42
CA ALA B 1 36.26 16.58 3.20
C ALA B 1 36.32 15.03 3.39
N MET B 2 37.36 14.40 2.81
CA MET B 2 37.57 12.94 2.82
C MET B 2 38.85 12.55 3.60
N PHE B 3 38.84 11.34 4.19
CA PHE B 3 39.92 10.86 5.09
C PHE B 3 40.09 9.38 4.85
N GLN B 4 41.26 8.98 4.38
CA GLN B 4 41.47 7.62 3.94
C GLN B 4 41.86 6.76 5.12
N ILE B 5 41.26 5.59 5.24
CA ILE B 5 41.61 4.63 6.31
C ILE B 5 42.07 3.26 5.79
N GLY B 6 42.19 3.12 4.48
CA GLY B 6 42.76 1.93 3.87
C GLY B 6 42.62 2.04 2.37
N LYS B 7 43.13 1.04 1.66
CA LYS B 7 42.87 1.00 0.24
C LYS B 7 41.36 0.86 0.12
N MET B 8 40.82 1.81 -0.66
CA MET B 8 39.46 1.82 -1.12
C MET B 8 38.45 2.15 -0.01
N ARG B 9 38.92 2.75 1.09
CA ARG B 9 38.09 3.03 2.24
C ARG B 9 38.28 4.45 2.77
N TYR B 10 37.17 5.16 2.85
CA TYR B 10 37.21 6.54 3.26
C TYR B 10 36.10 6.89 4.24
N VAL B 11 36.47 7.75 5.18
CA VAL B 11 35.54 8.47 6.01
C VAL B 11 35.31 9.81 5.29
N SER B 12 34.05 10.16 5.13
CA SER B 12 33.64 11.40 4.49
C SER B 12 32.80 12.21 5.49
N VAL B 13 33.12 13.49 5.63
CA VAL B 13 32.30 14.38 6.46
C VAL B 13 31.57 15.35 5.55
N ARG B 14 30.25 15.33 5.57
CA ARG B 14 29.43 16.19 4.73
C ARG B 14 28.22 16.72 5.48
N ASP B 15 27.68 17.83 4.99
CA ASP B 15 26.35 18.31 5.36
C ASP B 15 25.35 17.79 4.32
N PHE B 16 24.38 17.00 4.76
CA PHE B 16 23.34 16.42 3.88
C PHE B 16 21.97 16.78 4.49
N LYS B 17 21.10 17.36 3.67
CA LYS B 17 19.73 17.77 4.09
C LYS B 17 19.69 18.48 5.46
N GLY B 18 20.56 19.48 5.66
CA GLY B 18 20.59 20.26 6.90
C GLY B 18 21.43 19.70 8.05
N LYS B 19 21.91 18.46 7.95
CA LYS B 19 22.50 17.72 9.07
C LYS B 19 23.87 17.11 8.71
N VAL B 20 24.75 16.97 9.71
CA VAL B 20 26.12 16.48 9.49
C VAL B 20 26.20 14.96 9.58
N LEU B 21 26.95 14.37 8.65
CA LEU B 21 27.16 12.92 8.58
C LEU B 21 28.63 12.57 8.48
N ILE B 22 29.05 11.69 9.38
CA ILE B 22 30.38 11.10 9.34
C ILE B 22 30.11 9.73 8.69
N ASP B 23 30.60 9.56 7.45
CA ASP B 23 30.27 8.40 6.63
C ASP B 23 31.53 7.55 6.41
N ILE B 24 31.49 6.34 6.96
CA ILE B 24 32.60 5.38 6.86
C ILE B 24 32.21 4.34 5.80
N ARG B 25 33.01 4.17 4.76
CA ARG B 25 32.53 3.48 3.54
C ARG B 25 33.60 2.90 2.61
N GLU B 26 33.23 1.80 1.93
CA GLU B 26 33.97 1.22 0.79
C GLU B 26 33.75 1.99 -0.50
N TYR B 27 34.82 2.15 -1.27
CA TYR B 27 34.74 2.82 -2.59
C TYR B 27 35.28 1.91 -3.71
N TRP B 28 34.66 2.01 -4.88
CA TRP B 28 35.20 1.47 -6.13
C TRP B 28 36.02 2.56 -6.77
N MET B 29 36.94 2.15 -7.64
CA MET B 29 37.61 3.04 -8.59
C MET B 29 37.01 2.81 -9.98
N ASP B 30 36.54 3.90 -10.59
CA ASP B 30 36.01 3.89 -11.97
C ASP B 30 37.19 3.90 -12.99
N PRO B 31 36.89 3.64 -14.28
CA PRO B 31 37.95 3.56 -15.28
C PRO B 31 38.84 4.81 -15.46
N GLU B 32 38.32 5.98 -15.08
CA GLU B 32 39.07 7.24 -15.12
C GLU B 32 39.89 7.45 -13.83
N GLY B 33 39.96 6.44 -12.99
CA GLY B 33 40.74 6.52 -11.75
C GLY B 33 40.06 7.22 -10.58
N GLU B 34 38.79 7.61 -10.74
CA GLU B 34 38.04 8.34 -9.73
C GLU B 34 37.37 7.36 -8.79
N MET B 35 37.38 7.68 -7.50
CA MET B 35 36.76 6.85 -6.47
C MET B 35 35.25 7.14 -6.42
N LYS B 36 34.45 6.09 -6.27
CA LYS B 36 32.99 6.20 -6.22
C LYS B 36 32.44 5.34 -5.09
N PRO B 37 31.42 5.85 -4.36
CA PRO B 37 30.98 5.16 -3.15
C PRO B 37 30.24 3.89 -3.42
N GLY B 38 30.68 2.79 -2.81
CA GLY B 38 30.01 1.50 -2.88
C GLY B 38 28.93 1.40 -1.80
N ARG B 39 28.17 0.32 -1.83
CA ARG B 39 27.05 0.16 -0.93
C ARG B 39 27.38 -0.26 0.48
N LYS B 40 28.57 -0.81 0.72
CA LYS B 40 29.01 -1.17 2.08
C LYS B 40 29.65 0.02 2.80
N GLY B 41 28.82 0.69 3.57
CA GLY B 41 29.23 1.82 4.39
C GLY B 41 28.11 2.17 5.35
N ILE B 42 28.33 3.21 6.15
CA ILE B 42 27.34 3.64 7.11
C ILE B 42 27.51 5.14 7.36
N SER B 43 26.38 5.85 7.41
CA SER B 43 26.34 7.26 7.74
C SER B 43 25.99 7.44 9.21
N LEU B 44 26.90 8.01 9.98
CA LEU B 44 26.72 8.22 11.40
C LEU B 44 26.44 9.70 11.59
N ASN B 45 25.51 10.01 12.49
CA ASN B 45 25.28 11.38 12.91
C ASN B 45 26.25 11.70 14.05
N PRO B 46 26.37 12.99 14.41
CA PRO B 46 27.37 13.35 15.41
C PRO B 46 27.19 12.70 16.79
N GLU B 47 25.95 12.40 17.15
CA GLU B 47 25.66 11.77 18.43
C GLU B 47 26.23 10.35 18.47
N GLN B 48 26.02 9.61 17.38
CA GLN B 48 26.50 8.24 17.20
C GLN B 48 28.00 8.21 17.19
N TRP B 49 28.55 9.19 16.49
CA TRP B 49 30.00 9.36 16.37
C TRP B 49 30.57 9.58 17.74
N SER B 50 29.93 10.43 18.52
CA SER B 50 30.32 10.69 19.88
C SER B 50 30.34 9.41 20.72
N GLN B 51 29.29 8.62 20.62
CA GLN B 51 29.19 7.34 21.32
C GLN B 51 30.27 6.35 20.88
N LEU B 52 30.60 6.38 19.59
CA LEU B 52 31.70 5.55 19.06
C LEU B 52 33.00 5.94 19.75
N LYS B 53 33.30 7.24 19.74
CA LYS B 53 34.51 7.77 20.33
C LYS B 53 34.62 7.42 21.80
N GLU B 54 33.53 7.57 22.53
CA GLU B 54 33.48 7.28 23.95
C GLU B 54 33.88 5.85 24.26
N GLN B 55 33.61 4.93 23.33
CA GLN B 55 33.87 3.51 23.50
C GLN B 55 35.14 2.99 22.82
N ILE B 56 36.02 3.88 22.40
CA ILE B 56 37.20 3.45 21.67
C ILE B 56 38.08 2.52 22.48
N SER B 57 38.31 2.93 23.74
CA SER B 57 39.08 2.15 24.69
C SER B 57 38.53 0.72 24.81
N ASP B 58 37.22 0.60 24.93
CA ASP B 58 36.59 -0.71 25.14
C ASP B 58 36.71 -1.59 23.90
N ILE B 59 36.51 -0.96 22.74
CA ILE B 59 36.63 -1.61 21.42
C ILE B 59 38.06 -2.13 21.25
N ASP B 60 39.01 -1.26 21.52
CA ASP B 60 40.43 -1.59 21.47
C ASP B 60 40.78 -2.76 22.38
N ASP B 61 40.23 -2.77 23.60
CA ASP B 61 40.49 -3.88 24.56
C ASP B 61 40.01 -5.20 23.97
N ALA B 62 38.81 -5.18 23.37
CA ALA B 62 38.26 -6.33 22.66
C ALA B 62 39.18 -6.81 21.58
N VAL B 63 39.63 -5.86 20.77
CA VAL B 63 40.49 -6.18 19.65
C VAL B 63 41.79 -6.74 20.17
N ARG B 64 42.31 -6.15 21.24
CA ARG B 64 43.65 -6.54 21.69
C ARG B 64 43.71 -7.96 22.15
N LYS B 65 42.67 -8.41 22.83
CA LYS B 65 42.64 -9.79 23.25
C LYS B 65 41.99 -10.50 22.12
N LEU B 66 42.82 -10.89 21.17
CA LEU B 66 42.55 -11.52 19.87
C LEU B 66 43.90 -11.25 19.15
N ALA C 1 -3.32 -32.92 17.12
CA ALA C 1 -3.36 -33.27 15.67
C ALA C 1 -3.65 -32.04 14.75
N MET C 2 -4.52 -32.21 13.74
CA MET C 2 -4.68 -31.26 12.62
C MET C 2 -6.13 -30.84 12.51
N PHE C 3 -6.35 -29.59 12.10
CA PHE C 3 -7.70 -28.99 12.05
C PHE C 3 -7.80 -28.09 10.84
N GLN C 4 -8.71 -28.42 9.93
CA GLN C 4 -8.83 -27.71 8.68
C GLN C 4 -9.59 -26.43 8.83
N ILE C 5 -9.13 -25.36 8.19
CA ILE C 5 -9.83 -24.07 8.25
C ILE C 5 -10.22 -23.50 6.88
N GLY C 6 -9.87 -24.21 5.81
CA GLY C 6 -10.16 -23.77 4.44
C GLY C 6 -9.57 -24.76 3.46
N LYS C 7 -9.82 -24.55 2.18
CA LYS C 7 -9.15 -25.33 1.16
C LYS C 7 -7.66 -25.10 1.39
N MET C 8 -6.94 -26.18 1.64
CA MET C 8 -5.47 -26.17 1.72
C MET C 8 -4.88 -25.38 2.91
N ARG C 9 -5.68 -25.18 3.95
CA ARG C 9 -5.26 -24.43 5.13
C ARG C 9 -5.58 -25.20 6.40
N TYR C 10 -4.57 -25.38 7.24
CA TYR C 10 -4.71 -26.15 8.46
C TYR C 10 -4.00 -25.51 9.65
N VAL C 11 -4.61 -25.72 10.82
CA VAL C 11 -4.02 -25.43 12.10
C VAL C 11 -3.52 -26.76 12.62
N SER C 12 -2.27 -26.76 13.03
CA SER C 12 -1.60 -27.92 13.56
C SER C 12 -1.17 -27.61 14.98
N VAL C 13 -1.45 -28.53 15.88
CA VAL C 13 -1.06 -28.38 17.27
C VAL C 13 -0.02 -29.44 17.55
N ARG C 14 1.18 -29.00 17.90
CA ARG C 14 2.33 -29.87 18.01
C ARG C 14 3.15 -29.46 19.20
N ASP C 15 3.86 -30.46 19.75
CA ASP C 15 4.91 -30.24 20.73
C ASP C 15 6.24 -30.18 19.97
N PHE C 16 6.90 -29.02 20.03
CA PHE C 16 8.15 -28.78 19.32
C PHE C 16 9.19 -28.42 20.37
N LYS C 17 10.28 -29.19 20.32
CA LYS C 17 11.24 -29.30 21.40
C LYS C 17 10.33 -29.51 22.61
N GLY C 18 10.42 -28.71 23.67
CA GLY C 18 9.62 -28.97 24.89
C GLY C 18 8.31 -28.16 25.00
N LYS C 19 7.95 -27.45 23.93
CA LYS C 19 6.94 -26.39 24.00
C LYS C 19 5.85 -26.55 22.96
N VAL C 20 4.65 -26.06 23.27
CA VAL C 20 3.49 -26.27 22.41
C VAL C 20 3.34 -25.09 21.44
N LEU C 21 3.00 -25.42 20.20
CA LEU C 21 2.71 -24.41 19.17
C LEU C 21 1.38 -24.65 18.44
N ILE C 22 0.63 -23.57 18.28
CA ILE C 22 -0.56 -23.57 17.43
C ILE C 22 -0.08 -22.95 16.11
N ASP C 23 -0.03 -23.79 15.08
CA ASP C 23 0.53 -23.39 13.80
C ASP C 23 -0.55 -23.28 12.70
N ILE C 24 -0.77 -22.05 12.23
CA ILE C 24 -1.79 -21.74 11.24
C ILE C 24 -1.09 -21.53 9.90
N ARG C 25 -1.37 -22.39 8.91
CA ARG C 25 -0.50 -22.48 7.74
C ARG C 25 -1.17 -22.93 6.44
N GLU C 26 -0.58 -22.48 5.32
CA GLU C 26 -0.94 -22.93 3.96
C GLU C 26 -0.25 -24.24 3.64
N TYR C 27 -0.96 -25.12 2.94
CA TYR C 27 -0.41 -26.41 2.53
C TYR C 27 -0.50 -26.55 1.01
N TRP C 28 0.57 -27.09 0.41
CA TRP C 28 0.56 -27.50 -1.00
C TRP C 28 0.13 -28.95 -1.02
N MET C 29 -0.37 -29.38 -2.19
CA MET C 29 -0.61 -30.80 -2.46
C MET C 29 0.48 -31.33 -3.42
N ASP C 30 1.16 -32.39 -2.99
CA ASP C 30 2.20 -33.04 -3.80
C ASP C 30 1.54 -33.95 -4.85
N PRO C 31 2.34 -34.43 -5.82
CA PRO C 31 1.76 -35.26 -6.91
C PRO C 31 1.06 -36.57 -6.49
N GLU C 32 1.36 -37.10 -5.30
CA GLU C 32 0.64 -38.26 -4.74
C GLU C 32 -0.64 -37.86 -4.00
N GLY C 33 -1.03 -36.59 -4.09
CA GLY C 33 -2.22 -36.09 -3.39
C GLY C 33 -2.08 -35.86 -1.90
N GLU C 34 -0.85 -35.92 -1.38
CA GLU C 34 -0.59 -35.66 0.03
C GLU C 34 -0.36 -34.16 0.26
N MET C 35 -0.91 -33.63 1.34
CA MET C 35 -0.74 -32.25 1.69
C MET C 35 0.58 -32.08 2.43
N LYS C 36 1.30 -31.01 2.13
CA LYS C 36 2.60 -30.70 2.73
C LYS C 36 2.67 -29.21 3.11
N PRO C 37 3.28 -28.87 4.24
CA PRO C 37 3.25 -27.50 4.71
C PRO C 37 4.06 -26.54 3.85
N GLY C 38 3.44 -25.43 3.42
CA GLY C 38 4.13 -24.36 2.70
C GLY C 38 4.77 -23.33 3.59
N ARG C 39 5.37 -22.33 2.97
CA ARG C 39 6.14 -21.32 3.70
C ARG C 39 5.28 -20.22 4.32
N LYS C 40 4.05 -20.02 3.84
CA LYS C 40 3.15 -19.01 4.43
C LYS C 40 2.30 -19.61 5.57
N GLY C 41 2.79 -19.37 6.78
CA GLY C 41 2.14 -19.79 8.02
C GLY C 41 2.76 -19.06 9.19
N ILE C 42 2.27 -19.33 10.39
CA ILE C 42 2.80 -18.70 11.63
C ILE C 42 2.59 -19.66 12.80
N SER C 43 3.63 -19.79 13.63
CA SER C 43 3.56 -20.57 14.87
C SER C 43 3.35 -19.65 16.06
N LEU C 44 2.20 -19.81 16.72
CA LEU C 44 1.84 -19.05 17.91
C LEU C 44 1.98 -19.96 19.11
N ASN C 45 2.44 -19.41 20.23
CA ASN C 45 2.43 -20.17 21.50
C ASN C 45 1.05 -19.97 22.15
N PRO C 46 0.71 -20.73 23.21
CA PRO C 46 -0.64 -20.65 23.76
C PRO C 46 -1.04 -19.25 24.26
N GLU C 47 -0.09 -18.46 24.76
CA GLU C 47 -0.39 -17.11 25.23
C GLU C 47 -0.78 -16.18 24.07
N GLN C 48 -0.04 -16.27 22.96
CA GLN C 48 -0.32 -15.49 21.75
C GLN C 48 -1.67 -15.88 21.11
N TRP C 49 -1.89 -17.20 21.09
CA TRP C 49 -3.14 -17.76 20.64
C TRP C 49 -4.29 -17.17 21.46
N SER C 50 -4.08 -17.14 22.78
CA SER C 50 -5.04 -16.57 23.77
C SER C 50 -5.34 -15.12 23.45
N GLN C 51 -4.30 -14.33 23.18
CA GLN C 51 -4.48 -12.93 22.85
C GLN C 51 -5.21 -12.73 21.53
N LEU C 52 -4.99 -13.65 20.58
CA LEU C 52 -5.75 -13.62 19.33
C LEU C 52 -7.24 -13.80 19.63
N LYS C 53 -7.55 -14.87 20.36
CA LYS C 53 -8.93 -15.17 20.77
C LYS C 53 -9.57 -14.02 21.51
N GLU C 54 -8.84 -13.40 22.44
CA GLU C 54 -9.36 -12.28 23.24
C GLU C 54 -9.77 -11.10 22.39
N GLN C 55 -9.16 -10.95 21.22
CA GLN C 55 -9.46 -9.83 20.31
C GLN C 55 -10.40 -10.16 19.14
N ILE C 56 -11.04 -11.33 19.20
CA ILE C 56 -11.86 -11.80 18.09
C ILE C 56 -12.98 -10.82 17.78
N SER C 57 -13.64 -10.37 18.84
CA SER C 57 -14.75 -9.43 18.70
C SER C 57 -14.35 -8.14 17.97
N ASP C 58 -13.20 -7.59 18.35
CA ASP C 58 -12.68 -6.40 17.71
C ASP C 58 -12.23 -6.65 16.26
N ILE C 59 -11.61 -7.80 16.02
CA ILE C 59 -11.20 -8.20 14.67
C ILE C 59 -12.42 -8.33 13.79
N ASP C 60 -13.44 -9.00 14.33
CA ASP C 60 -14.71 -9.17 13.64
C ASP C 60 -15.33 -7.84 13.27
N ASP C 61 -15.29 -6.87 14.18
CA ASP C 61 -15.81 -5.50 13.93
C ASP C 61 -15.11 -4.90 12.73
N ALA C 62 -13.78 -4.96 12.72
CA ALA C 62 -12.97 -4.48 11.59
C ALA C 62 -13.38 -5.12 10.27
N VAL C 63 -13.51 -6.45 10.29
CA VAL C 63 -13.89 -7.21 9.08
C VAL C 63 -15.26 -6.76 8.58
N ARG C 64 -16.17 -6.54 9.53
CA ARG C 64 -17.55 -6.19 9.20
C ARG C 64 -17.71 -4.80 8.62
N LYS C 65 -16.83 -3.87 9.02
CA LYS C 65 -16.81 -2.52 8.43
C LYS C 65 -16.38 -2.52 6.94
N LEU C 66 -16.17 -3.68 6.35
CA LEU C 66 -15.84 -3.82 4.96
C LEU C 66 -16.85 -4.87 4.37
N ALA D 1 -8.12 -1.86 11.28
CA ALA D 1 -6.63 -1.63 11.33
C ALA D 1 -5.87 -2.83 12.00
N MET D 2 -5.12 -2.58 13.10
CA MET D 2 -4.15 -3.54 13.66
C MET D 2 -4.50 -3.97 15.06
N PHE D 3 -4.10 -5.19 15.42
CA PHE D 3 -4.43 -5.83 16.71
C PHE D 3 -3.26 -6.70 17.16
N GLN D 4 -2.68 -6.35 18.31
CA GLN D 4 -1.50 -7.02 18.81
C GLN D 4 -1.88 -8.29 19.51
N ILE D 5 -1.18 -9.36 19.20
CA ILE D 5 -1.42 -10.63 19.87
C ILE D 5 -0.16 -11.16 20.52
N GLY D 6 0.89 -10.35 20.56
CA GLY D 6 2.15 -10.79 21.14
C GLY D 6 3.21 -9.73 20.96
N LYS D 7 4.42 -10.02 21.41
CA LYS D 7 5.55 -9.15 21.11
C LYS D 7 5.93 -9.48 19.70
N MET D 8 5.85 -8.46 18.84
CA MET D 8 6.13 -8.52 17.39
C MET D 8 5.11 -9.34 16.59
N ARG D 9 3.94 -9.57 17.14
CA ARG D 9 2.91 -10.27 16.40
C ARG D 9 1.67 -9.40 16.36
N TYR D 10 1.12 -9.26 15.17
CA TYR D 10 -0.02 -8.41 14.95
C TYR D 10 -0.95 -9.04 13.96
N VAL D 11 -2.23 -8.71 14.10
CA VAL D 11 -3.23 -9.22 13.20
C VAL D 11 -3.74 -7.99 12.52
N SER D 12 -3.78 -8.04 11.21
CA SER D 12 -4.11 -6.88 10.44
C SER D 12 -5.35 -7.21 9.66
N VAL D 13 -6.32 -6.31 9.70
CA VAL D 13 -7.53 -6.46 8.87
C VAL D 13 -7.53 -5.36 7.82
N ARG D 14 -7.43 -5.78 6.56
CA ARG D 14 -7.18 -4.88 5.46
C ARG D 14 -8.02 -5.28 4.27
N ASP D 15 -8.27 -4.28 3.42
CA ASP D 15 -8.90 -4.52 2.13
C ASP D 15 -7.80 -4.56 1.07
N PHE D 16 -7.65 -5.69 0.38
CA PHE D 16 -6.64 -5.86 -0.69
C PHE D 16 -7.36 -6.29 -1.96
N LYS D 17 -7.13 -5.52 -3.03
CA LYS D 17 -7.79 -5.70 -4.32
C LYS D 17 -9.29 -6.03 -4.25
N GLY D 18 -10.08 -5.28 -3.48
CA GLY D 18 -11.53 -5.48 -3.39
C GLY D 18 -12.00 -6.45 -2.30
N LYS D 19 -11.07 -7.21 -1.72
CA LYS D 19 -11.39 -8.34 -0.86
C LYS D 19 -10.68 -8.24 0.51
N VAL D 20 -11.36 -8.78 1.52
CA VAL D 20 -10.93 -8.59 2.91
C VAL D 20 -10.00 -9.72 3.33
N LEU D 21 -8.95 -9.36 4.06
CA LEU D 21 -7.99 -10.31 4.56
C LEU D 21 -7.69 -10.09 6.04
N ILE D 22 -7.79 -11.19 6.79
CA ILE D 22 -7.36 -11.22 8.19
C ILE D 22 -5.95 -11.82 8.17
N ASP D 23 -4.97 -10.98 8.45
CA ASP D 23 -3.57 -11.35 8.29
C ASP D 23 -2.84 -11.48 9.64
N ILE D 24 -2.44 -12.72 9.96
CA ILE D 24 -1.80 -13.05 11.24
C ILE D 24 -0.31 -13.18 10.97
N ARG D 25 0.53 -12.37 11.61
CA ARG D 25 1.91 -12.21 11.15
C ARG D 25 2.93 -11.74 12.18
N GLU D 26 4.15 -12.25 12.03
CA GLU D 26 5.34 -11.75 12.72
C GLU D 26 5.88 -10.46 12.03
N TYR D 27 6.35 -9.51 12.82
CA TYR D 27 6.91 -8.25 12.32
C TYR D 27 8.32 -8.04 12.88
N TRP D 28 9.20 -7.51 12.04
CA TRP D 28 10.52 -7.04 12.46
C TRP D 28 10.39 -5.57 12.74
N MET D 29 11.30 -5.05 13.56
CA MET D 29 11.57 -3.61 13.61
C MET D 29 12.83 -3.29 12.80
N ASP D 30 12.73 -2.34 11.88
CA ASP D 30 13.85 -1.96 11.02
C ASP D 30 14.83 -1.00 11.75
N PRO D 31 16.00 -0.73 11.18
CA PRO D 31 16.97 0.18 11.78
C PRO D 31 16.53 1.61 12.08
N GLU D 32 15.50 2.08 11.38
CA GLU D 32 14.87 3.39 11.67
C GLU D 32 13.76 3.28 12.74
N GLY D 33 13.63 2.12 13.39
CA GLY D 33 12.63 1.88 14.46
C GLY D 33 11.19 1.64 14.01
N GLU D 34 10.99 1.46 12.71
CA GLU D 34 9.67 1.24 12.12
C GLU D 34 9.37 -0.25 12.06
N MET D 35 8.14 -0.64 12.35
CA MET D 35 7.71 -2.03 12.19
C MET D 35 7.49 -2.38 10.72
N LYS D 36 7.94 -3.57 10.32
CA LYS D 36 7.77 -4.08 8.98
C LYS D 36 7.33 -5.54 9.02
N PRO D 37 6.43 -5.93 8.11
CA PRO D 37 5.91 -7.29 8.07
C PRO D 37 6.95 -8.31 7.68
N GLY D 38 7.07 -9.38 8.47
CA GLY D 38 8.00 -10.47 8.21
C GLY D 38 7.39 -11.52 7.33
N ARG D 39 8.18 -12.51 6.99
CA ARG D 39 7.76 -13.56 6.08
C ARG D 39 6.86 -14.60 6.75
N LYS D 40 6.93 -14.74 8.09
CA LYS D 40 6.11 -15.74 8.79
C LYS D 40 4.74 -15.16 9.18
N GLY D 41 3.78 -15.38 8.31
CA GLY D 41 2.42 -14.93 8.48
C GLY D 41 1.51 -15.69 7.53
N ILE D 42 0.21 -15.40 7.64
CA ILE D 42 -0.81 -16.03 6.78
C ILE D 42 -1.96 -15.04 6.58
N SER D 43 -2.45 -14.94 5.34
CA SER D 43 -3.66 -14.18 5.01
C SER D 43 -4.87 -15.12 4.89
N LEU D 44 -5.83 -14.93 5.79
CA LEU D 44 -7.09 -15.66 5.78
C LEU D 44 -8.18 -14.75 5.23
N ASN D 45 -9.14 -15.32 4.51
CA ASN D 45 -10.38 -14.59 4.14
C ASN D 45 -11.42 -14.76 5.27
N PRO D 46 -12.55 -14.02 5.23
CA PRO D 46 -13.51 -14.07 6.35
C PRO D 46 -14.05 -15.45 6.68
N GLU D 47 -14.21 -16.28 5.66
CA GLU D 47 -14.73 -17.62 5.84
C GLU D 47 -13.72 -18.47 6.59
N GLN D 48 -12.46 -18.37 6.20
CA GLN D 48 -11.40 -19.13 6.86
C GLN D 48 -11.18 -18.66 8.29
N TRP D 49 -11.29 -17.35 8.51
CA TRP D 49 -11.26 -16.76 9.85
C TRP D 49 -12.40 -17.37 10.71
N SER D 50 -13.60 -17.42 10.15
CA SER D 50 -14.75 -18.06 10.78
C SER D 50 -14.45 -19.50 11.15
N GLN D 51 -13.90 -20.26 10.20
CA GLN D 51 -13.55 -21.67 10.43
C GLN D 51 -12.46 -21.85 11.47
N LEU D 52 -11.56 -20.88 11.58
CA LEU D 52 -10.55 -20.88 12.64
C LEU D 52 -11.21 -20.75 13.99
N LYS D 53 -12.05 -19.76 14.13
CA LYS D 53 -12.78 -19.54 15.36
C LYS D 53 -13.60 -20.78 15.73
N GLU D 54 -14.25 -21.40 14.73
CA GLU D 54 -15.08 -22.60 14.95
C GLU D 54 -14.29 -23.78 15.46
N GLN D 55 -12.99 -23.78 15.22
CA GLN D 55 -12.09 -24.84 15.71
C GLN D 55 -11.31 -24.55 16.97
N ILE D 56 -11.58 -23.41 17.61
CA ILE D 56 -10.87 -22.98 18.80
C ILE D 56 -10.97 -24.02 19.90
N SER D 57 -12.18 -24.48 20.14
CA SER D 57 -12.44 -25.46 21.19
C SER D 57 -11.57 -26.69 21.03
N ASP D 58 -11.55 -27.22 19.82
CA ASP D 58 -10.82 -28.44 19.55
C ASP D 58 -9.33 -28.21 19.57
N ILE D 59 -8.87 -27.06 19.05
CA ILE D 59 -7.44 -26.68 19.09
C ILE D 59 -7.00 -26.65 20.54
N ASP D 60 -7.80 -25.97 21.37
CA ASP D 60 -7.50 -25.83 22.79
C ASP D 60 -7.42 -27.15 23.50
N ASP D 61 -8.32 -28.09 23.13
CA ASP D 61 -8.31 -29.44 23.69
C ASP D 61 -6.97 -30.12 23.41
N ALA D 62 -6.54 -30.05 22.15
CA ALA D 62 -5.29 -30.63 21.74
C ALA D 62 -4.12 -30.00 22.48
N VAL D 63 -4.13 -28.67 22.62
CA VAL D 63 -3.09 -27.95 23.37
C VAL D 63 -3.00 -28.46 24.82
N ARG D 64 -4.17 -28.67 25.42
CA ARG D 64 -4.28 -29.06 26.82
C ARG D 64 -3.76 -30.47 27.07
N LYS D 65 -3.91 -31.36 26.08
CA LYS D 65 -3.36 -32.73 26.14
C LYS D 65 -1.81 -32.80 26.10
N LEU D 66 -1.16 -31.64 26.21
CA LEU D 66 0.27 -31.54 26.31
C LEU D 66 0.53 -30.58 27.52
N ALA E 1 -30.07 -0.15 8.26
CA ALA E 1 -29.58 -0.83 7.02
C ALA E 1 -29.61 -2.40 7.14
N MET E 2 -28.56 -3.06 6.62
CA MET E 2 -28.40 -4.52 6.64
C MET E 2 -27.19 -4.87 7.51
N PHE E 3 -27.22 -6.08 8.10
CA PHE E 3 -26.17 -6.56 9.01
C PHE E 3 -25.99 -8.04 8.72
N GLN E 4 -24.81 -8.41 8.25
CA GLN E 4 -24.56 -9.78 7.89
C GLN E 4 -24.25 -10.66 9.10
N ILE E 5 -24.83 -11.86 9.12
CA ILE E 5 -24.61 -12.79 10.21
C ILE E 5 -24.14 -14.16 9.73
N GLY E 6 -23.99 -14.34 8.43
CA GLY E 6 -23.46 -15.59 7.86
C GLY E 6 -23.34 -15.37 6.36
N LYS E 7 -22.80 -16.35 5.65
CA LYS E 7 -22.52 -16.19 4.21
C LYS E 7 -23.64 -15.59 3.28
N MET E 8 -24.89 -15.99 3.46
CA MET E 8 -26.05 -15.55 2.69
C MET E 8 -27.19 -15.14 3.62
N ARG E 9 -26.83 -14.64 4.81
CA ARG E 9 -27.79 -14.37 5.88
C ARG E 9 -27.66 -12.96 6.44
N TYR E 10 -28.77 -12.23 6.45
CA TYR E 10 -28.77 -10.84 6.90
C TYR E 10 -29.94 -10.53 7.80
N VAL E 11 -29.63 -9.68 8.78
CA VAL E 11 -30.60 -8.99 9.58
C VAL E 11 -30.80 -7.66 8.89
N SER E 12 -32.03 -7.32 8.60
CA SER E 12 -32.36 -6.07 7.99
C SER E 12 -33.25 -5.28 8.94
N VAL E 13 -32.93 -4.00 9.11
CA VAL E 13 -33.80 -3.08 9.87
C VAL E 13 -34.43 -2.06 8.90
N ARG E 14 -35.75 -2.12 8.74
CA ARG E 14 -36.47 -1.36 7.74
C ARG E 14 -37.80 -0.87 8.29
N ASP E 15 -38.29 0.22 7.70
CA ASP E 15 -39.63 0.74 7.94
C ASP E 15 -40.55 0.18 6.85
N PHE E 16 -41.57 -0.56 7.24
CA PHE E 16 -42.55 -1.10 6.29
C PHE E 16 -43.95 -0.66 6.76
N LYS E 17 -44.66 -0.01 5.83
CA LYS E 17 -46.00 0.52 6.08
C LYS E 17 -46.23 1.16 7.45
N GLY E 18 -45.37 2.11 7.83
CA GLY E 18 -45.50 2.86 9.09
C GLY E 18 -44.75 2.30 10.29
N LYS E 19 -44.36 1.01 10.22
CA LYS E 19 -43.86 0.25 11.38
C LYS E 19 -42.48 -0.39 11.12
N VAL E 20 -41.69 -0.53 12.19
CA VAL E 20 -40.32 -0.98 12.09
C VAL E 20 -40.22 -2.50 12.23
N LEU E 21 -39.34 -3.11 11.42
CA LEU E 21 -39.17 -4.57 11.41
C LEU E 21 -37.70 -4.97 11.46
N ILE E 22 -37.39 -5.88 12.36
CA ILE E 22 -36.08 -6.48 12.47
C ILE E 22 -36.23 -7.83 11.78
N ASP E 23 -35.60 -7.97 10.61
CA ASP E 23 -35.85 -9.11 9.74
C ASP E 23 -34.60 -9.98 9.63
N ILE E 24 -34.71 -11.22 10.13
CA ILE E 24 -33.61 -12.19 10.16
C ILE E 24 -33.91 -13.24 9.08
N ARG E 25 -33.04 -13.37 8.09
CA ARG E 25 -33.43 -14.04 6.83
C ARG E 25 -32.27 -14.53 5.94
N GLU E 26 -32.53 -15.63 5.22
CA GLU E 26 -31.68 -16.15 4.15
C GLU E 26 -31.88 -15.35 2.86
N TYR E 27 -30.81 -15.14 2.10
CA TYR E 27 -30.90 -14.45 0.81
C TYR E 27 -30.27 -15.30 -0.31
N TRP E 28 -30.85 -15.21 -1.52
CA TRP E 28 -30.26 -15.79 -2.73
C TRP E 28 -29.48 -14.67 -3.40
N MET E 29 -28.52 -15.01 -4.24
CA MET E 29 -27.86 -14.02 -5.08
C MET E 29 -28.34 -14.22 -6.49
N ASP E 30 -28.83 -13.15 -7.11
CA ASP E 30 -29.41 -13.29 -8.43
C ASP E 30 -28.33 -13.22 -9.52
N PRO E 31 -28.71 -13.53 -10.76
CA PRO E 31 -27.74 -13.57 -11.89
C PRO E 31 -27.00 -12.25 -12.15
N GLU E 32 -27.65 -11.14 -11.84
CA GLU E 32 -27.05 -9.82 -11.91
C GLU E 32 -26.19 -9.47 -10.71
N GLY E 33 -26.03 -10.39 -9.75
CA GLY E 33 -25.14 -10.14 -8.61
C GLY E 33 -25.77 -9.44 -7.41
N GLU E 34 -27.09 -9.26 -7.44
CA GLU E 34 -27.89 -8.68 -6.37
C GLU E 34 -28.28 -9.76 -5.41
N MET E 35 -28.51 -9.36 -4.16
CA MET E 35 -28.97 -10.25 -3.11
C MET E 35 -30.46 -10.07 -2.99
N LYS E 36 -31.20 -11.16 -2.96
CA LYS E 36 -32.65 -11.09 -2.92
C LYS E 36 -33.18 -11.99 -1.79
N PRO E 37 -34.21 -11.51 -1.05
CA PRO E 37 -34.66 -12.20 0.15
C PRO E 37 -35.36 -13.50 -0.15
N GLY E 38 -34.91 -14.56 0.52
CA GLY E 38 -35.47 -15.92 0.37
C GLY E 38 -36.65 -16.11 1.30
N ARG E 39 -37.28 -17.26 1.22
CA ARG E 39 -38.50 -17.52 1.95
C ARG E 39 -38.23 -17.90 3.40
N LYS E 40 -37.03 -18.36 3.72
CA LYS E 40 -36.68 -18.76 5.11
C LYS E 40 -36.15 -17.59 5.92
N GLY E 41 -37.07 -16.98 6.67
CA GLY E 41 -36.79 -15.79 7.46
C GLY E 41 -37.97 -15.40 8.32
N ILE E 42 -37.80 -14.35 9.13
CA ILE E 42 -38.83 -13.90 10.03
C ILE E 42 -38.66 -12.42 10.31
N SER E 43 -39.77 -11.71 10.23
CA SER E 43 -39.87 -10.31 10.62
C SER E 43 -40.39 -10.18 12.06
N LEU E 44 -39.53 -9.59 12.89
CA LEU E 44 -39.81 -9.32 14.28
C LEU E 44 -40.12 -7.84 14.39
N ASN E 45 -41.08 -7.51 15.26
CA ASN E 45 -41.32 -6.12 15.63
C ASN E 45 -40.41 -5.81 16.81
N PRO E 46 -40.29 -4.52 17.17
CA PRO E 46 -39.31 -4.14 18.20
C PRO E 46 -39.52 -4.79 19.56
N GLU E 47 -40.77 -5.09 19.90
CA GLU E 47 -41.08 -5.73 21.17
C GLU E 47 -40.59 -7.17 21.21
N GLN E 48 -40.80 -7.89 20.12
CA GLN E 48 -40.30 -9.25 19.97
C GLN E 48 -38.80 -9.34 19.96
N TRP E 49 -38.19 -8.38 19.31
CA TRP E 49 -36.74 -8.23 19.30
C TRP E 49 -36.25 -8.05 20.72
N SER E 50 -36.89 -7.17 21.45
CA SER E 50 -36.54 -6.93 22.83
C SER E 50 -36.63 -8.20 23.67
N GLN E 51 -37.70 -8.96 23.48
CA GLN E 51 -37.87 -10.22 24.17
C GLN E 51 -36.79 -11.22 23.82
N LEU E 52 -36.37 -11.24 22.57
CA LEU E 52 -35.27 -12.10 22.14
C LEU E 52 -34.00 -11.71 22.90
N LYS E 53 -33.67 -10.43 22.87
CA LYS E 53 -32.50 -9.91 23.58
C LYS E 53 -32.49 -10.23 25.05
N GLU E 54 -33.63 -10.04 25.70
CA GLU E 54 -33.76 -10.28 27.12
C GLU E 54 -33.42 -11.71 27.48
N GLN E 55 -33.66 -12.64 26.56
CA GLN E 55 -33.45 -14.07 26.81
C GLN E 55 -32.19 -14.65 26.17
N ILE E 56 -31.26 -13.80 25.76
CA ILE E 56 -30.03 -14.26 25.10
C ILE E 56 -29.24 -15.17 26.03
N SER E 57 -29.10 -14.73 27.28
CA SER E 57 -28.48 -15.51 28.33
C SER E 57 -29.05 -16.93 28.45
N ASP E 58 -30.36 -17.02 28.47
CA ASP E 58 -31.03 -18.33 28.60
C ASP E 58 -30.81 -19.22 27.37
N ILE E 59 -30.89 -18.58 26.20
CA ILE E 59 -30.68 -19.24 24.92
C ILE E 59 -29.26 -19.76 24.88
N ASP E 60 -28.29 -18.90 25.19
CA ASP E 60 -26.88 -19.28 25.24
C ASP E 60 -26.63 -20.46 26.17
N ASP E 61 -27.26 -20.47 27.34
CA ASP E 61 -27.18 -21.60 28.25
C ASP E 61 -27.64 -22.91 27.60
N ALA E 62 -28.80 -22.87 26.95
CA ALA E 62 -29.36 -24.02 26.27
C ALA E 62 -28.41 -24.52 25.21
N VAL E 63 -27.84 -23.60 24.45
CA VAL E 63 -26.88 -23.92 23.38
C VAL E 63 -25.67 -24.58 23.98
N ARG E 64 -25.19 -24.08 25.12
CA ARG E 64 -23.95 -24.55 25.75
C ARG E 64 -24.10 -25.95 26.29
N LYS E 65 -25.30 -26.31 26.73
CA LYS E 65 -25.59 -27.66 27.19
C LYS E 65 -25.71 -28.68 26.04
N LEU E 66 -25.23 -28.29 24.87
CA LEU E 66 -24.99 -29.16 23.73
C LEU E 66 -23.53 -28.82 23.26
N ALA F 1 -34.29 -25.75 25.25
CA ALA F 1 -35.80 -25.70 25.26
C ALA F 1 -36.33 -24.64 24.27
N MET F 2 -37.48 -24.06 24.65
CA MET F 2 -38.18 -23.01 23.90
C MET F 2 -38.22 -21.70 24.69
N PHE F 3 -38.25 -20.58 23.99
CA PHE F 3 -38.15 -19.26 24.61
C PHE F 3 -39.04 -18.33 23.84
N GLN F 4 -40.06 -17.81 24.51
CA GLN F 4 -41.08 -17.05 23.85
C GLN F 4 -40.67 -15.61 23.63
N ILE F 5 -40.92 -15.11 22.43
CA ILE F 5 -40.64 -13.70 22.13
C ILE F 5 -41.86 -12.91 21.65
N GLY F 6 -43.02 -13.56 21.50
CA GLY F 6 -44.28 -12.89 21.09
C GLY F 6 -45.40 -13.90 21.17
N LYS F 7 -46.64 -13.54 20.88
CA LYS F 7 -47.79 -14.46 21.16
C LYS F 7 -47.71 -15.88 20.59
N MET F 8 -47.24 -16.01 19.34
CA MET F 8 -47.07 -17.30 18.67
C MET F 8 -45.66 -17.46 18.10
N ARG F 9 -44.69 -16.90 18.81
CA ARG F 9 -43.30 -16.81 18.31
C ARG F 9 -42.26 -17.26 19.35
N TYR F 10 -41.41 -18.19 18.94
CA TYR F 10 -40.43 -18.76 19.84
C TYR F 10 -39.06 -18.90 19.18
N VAL F 11 -38.05 -18.68 20.01
CA VAL F 11 -36.68 -19.14 19.77
C VAL F 11 -36.55 -20.56 20.36
N SER F 12 -36.02 -21.49 19.58
CA SER F 12 -35.91 -22.91 19.93
C SER F 12 -34.45 -23.23 19.84
N VAL F 13 -33.92 -23.93 20.83
CA VAL F 13 -32.58 -24.51 20.73
C VAL F 13 -32.70 -26.02 20.62
N ARG F 14 -32.24 -26.56 19.50
CA ARG F 14 -32.36 -27.98 19.20
C ARG F 14 -31.08 -28.54 18.59
N ASP F 15 -30.91 -29.85 18.76
CA ASP F 15 -29.85 -30.59 18.07
C ASP F 15 -30.50 -31.28 16.87
N PHE F 16 -30.04 -30.97 15.66
CA PHE F 16 -30.56 -31.56 14.42
C PHE F 16 -29.40 -32.18 13.64
N LYS F 17 -29.60 -33.44 13.26
CA LYS F 17 -28.52 -34.38 13.01
C LYS F 17 -27.52 -34.16 14.15
N GLY F 18 -26.24 -33.91 13.87
CA GLY F 18 -25.26 -33.70 14.94
C GLY F 18 -24.99 -32.27 15.33
N LYS F 19 -25.82 -31.34 14.86
CA LYS F 19 -25.49 -29.91 14.90
C LYS F 19 -26.58 -29.07 15.57
N VAL F 20 -26.16 -27.98 16.22
CA VAL F 20 -27.02 -27.16 17.04
C VAL F 20 -27.61 -26.05 16.19
N LEU F 21 -28.88 -25.77 16.44
CA LEU F 21 -29.60 -24.71 15.74
C LEU F 21 -30.35 -23.82 16.72
N ILE F 22 -30.16 -22.53 16.56
CA ILE F 22 -30.92 -21.53 17.25
C ILE F 22 -31.98 -21.09 16.23
N ASP F 23 -33.23 -21.43 16.52
CA ASP F 23 -34.29 -21.30 15.53
C ASP F 23 -35.31 -20.24 15.97
N ILE F 24 -35.44 -19.17 15.19
CA ILE F 24 -36.37 -18.07 15.48
C ILE F 24 -37.55 -18.18 14.52
N ARG F 25 -38.76 -18.39 15.04
CA ARG F 25 -39.86 -18.91 14.21
C ARG F 25 -41.28 -18.67 14.74
N GLU F 26 -42.22 -18.60 13.79
CA GLU F 26 -43.65 -18.55 14.07
C GLU F 26 -44.20 -19.95 14.30
N TYR F 27 -45.16 -20.07 15.22
CA TYR F 27 -45.80 -21.37 15.51
C TYR F 27 -47.33 -21.27 15.38
N TRP F 28 -47.93 -22.36 14.89
CA TRP F 28 -49.38 -22.60 14.98
C TRP F 28 -49.63 -23.37 16.27
N MET F 29 -50.86 -23.29 16.78
CA MET F 29 -51.34 -24.20 17.81
C MET F 29 -52.28 -25.22 17.18
N ASP F 30 -52.00 -26.50 17.40
CA ASP F 30 -52.83 -27.59 16.88
C ASP F 30 -54.04 -27.77 17.80
N PRO F 31 -55.04 -28.56 17.38
CA PRO F 31 -56.27 -28.73 18.17
C PRO F 31 -56.08 -29.30 19.59
N GLU F 32 -54.98 -30.03 19.80
CA GLU F 32 -54.58 -30.55 21.12
C GLU F 32 -53.84 -29.52 21.98
N GLY F 33 -53.77 -28.27 21.54
CA GLY F 33 -53.11 -27.20 22.28
C GLY F 33 -51.60 -27.16 22.18
N GLU F 34 -51.01 -28.03 21.33
CA GLU F 34 -49.57 -28.14 21.14
C GLU F 34 -49.14 -27.15 20.07
N MET F 35 -48.01 -26.49 20.32
CA MET F 35 -47.47 -25.53 19.38
C MET F 35 -46.71 -26.30 18.31
N LYS F 36 -46.86 -25.91 17.06
CA LYS F 36 -46.23 -26.62 15.95
C LYS F 36 -45.58 -25.60 15.02
N PRO F 37 -44.37 -25.91 14.54
CA PRO F 37 -43.58 -24.89 13.84
C PRO F 37 -44.14 -24.54 12.47
N GLY F 38 -44.30 -23.25 12.22
CA GLY F 38 -44.79 -22.74 10.91
C GLY F 38 -43.66 -22.53 9.94
N ARG F 39 -43.99 -22.13 8.73
CA ARG F 39 -42.98 -21.99 7.67
C ARG F 39 -42.19 -20.68 7.76
N LYS F 40 -42.69 -19.67 8.47
CA LYS F 40 -41.96 -18.41 8.63
C LYS F 40 -41.02 -18.42 9.84
N GLY F 41 -39.78 -18.81 9.56
CA GLY F 41 -38.72 -18.88 10.56
C GLY F 41 -37.35 -19.02 9.92
N ILE F 42 -36.32 -19.12 10.75
CA ILE F 42 -34.96 -19.35 10.28
C ILE F 42 -34.19 -20.10 11.34
N SER F 43 -33.41 -21.07 10.90
CA SER F 43 -32.47 -21.80 11.75
C SER F 43 -31.06 -21.20 11.60
N LEU F 44 -30.52 -20.67 12.68
CA LEU F 44 -29.13 -20.16 12.72
C LEU F 44 -28.24 -21.19 13.40
N ASN F 45 -27.03 -21.34 12.89
CA ASN F 45 -25.99 -22.15 13.56
C ASN F 45 -25.30 -21.23 14.57
N PRO F 46 -24.49 -21.82 15.47
CA PRO F 46 -23.95 -21.00 16.57
C PRO F 46 -23.03 -19.86 16.14
N GLU F 47 -22.36 -20.01 15.00
CA GLU F 47 -21.49 -18.95 14.52
C GLU F 47 -22.29 -17.74 14.04
N GLN F 48 -23.37 -18.02 13.31
CA GLN F 48 -24.34 -17.00 12.84
C GLN F 48 -25.01 -16.30 14.01
N TRP F 49 -25.35 -17.07 15.03
CA TRP F 49 -25.94 -16.56 16.25
C TRP F 49 -24.95 -15.64 16.93
N SER F 50 -23.70 -16.06 17.01
CA SER F 50 -22.66 -15.21 17.57
C SER F 50 -22.53 -13.88 16.80
N GLN F 51 -22.57 -13.94 15.48
CA GLN F 51 -22.51 -12.75 14.64
C GLN F 51 -23.73 -11.87 14.84
N LEU F 52 -24.90 -12.48 15.08
CA LEU F 52 -26.12 -11.74 15.42
C LEU F 52 -25.91 -10.96 16.71
N LYS F 53 -25.46 -11.67 17.74
CA LYS F 53 -25.18 -11.10 19.06
C LYS F 53 -24.20 -9.96 18.96
N GLU F 54 -23.13 -10.16 18.20
CA GLU F 54 -22.06 -9.15 18.02
C GLU F 54 -22.60 -7.85 17.47
N GLN F 55 -23.67 -7.91 16.69
CA GLN F 55 -24.24 -6.76 16.02
C GLN F 55 -25.46 -6.17 16.68
N ILE F 56 -25.78 -6.61 17.89
CA ILE F 56 -27.02 -6.19 18.53
C ILE F 56 -27.05 -4.70 18.72
N SER F 57 -25.94 -4.16 19.22
CA SER F 57 -25.78 -2.73 19.41
C SER F 57 -26.09 -1.94 18.13
N ASP F 58 -25.52 -2.38 17.01
CA ASP F 58 -25.71 -1.69 15.73
C ASP F 58 -27.16 -1.80 15.22
N ILE F 59 -27.74 -2.98 15.38
CA ILE F 59 -29.13 -3.25 15.01
C ILE F 59 -30.04 -2.37 15.86
N ASP F 60 -29.81 -2.35 17.17
CA ASP F 60 -30.55 -1.47 18.10
C ASP F 60 -30.47 0.00 17.73
N ASP F 61 -29.29 0.47 17.32
CA ASP F 61 -29.11 1.87 16.84
C ASP F 61 -30.04 2.14 15.68
N ALA F 62 -30.04 1.24 14.70
CA ALA F 62 -30.90 1.35 13.53
C ALA F 62 -32.35 1.40 13.92
N VAL F 63 -32.75 0.53 14.83
CA VAL F 63 -34.14 0.47 15.26
C VAL F 63 -34.51 1.77 15.97
N ARG F 64 -33.60 2.31 16.77
CA ARG F 64 -33.86 3.53 17.55
C ARG F 64 -34.03 4.75 16.66
N LYS F 65 -33.33 4.79 15.54
CA LYS F 65 -33.48 5.86 14.56
C LYS F 65 -34.86 5.88 13.86
N LEU F 66 -35.77 5.02 14.29
CA LEU F 66 -37.13 4.96 13.78
C LEU F 66 -38.03 4.91 15.05
N ALA G 1 -30.90 -7.44 -37.03
CA ALA G 1 -32.35 -7.84 -36.96
C ALA G 1 -32.49 -9.26 -36.38
N MET G 2 -33.15 -10.18 -37.10
CA MET G 2 -33.50 -11.52 -36.60
C MET G 2 -32.84 -12.63 -37.42
N PHE G 3 -32.59 -13.79 -36.77
CA PHE G 3 -31.91 -14.93 -37.37
C PHE G 3 -32.54 -16.19 -36.82
N GLN G 4 -33.14 -16.99 -37.70
CA GLN G 4 -33.89 -18.17 -37.29
C GLN G 4 -32.99 -19.32 -37.02
N ILE G 5 -33.24 -20.03 -35.93
CA ILE G 5 -32.48 -21.24 -35.59
C ILE G 5 -33.35 -22.49 -35.39
N GLY G 6 -34.65 -22.37 -35.63
CA GLY G 6 -35.56 -23.51 -35.56
C GLY G 6 -36.99 -23.02 -35.69
N LYS G 7 -37.94 -23.95 -35.71
CA LYS G 7 -39.33 -23.56 -35.70
C LYS G 7 -39.49 -22.77 -34.41
N MET G 8 -39.96 -21.53 -34.57
CA MET G 8 -40.39 -20.67 -33.45
C MET G 8 -39.23 -20.18 -32.58
N ARG G 9 -38.02 -20.21 -33.13
CA ARG G 9 -36.80 -19.84 -32.38
C ARG G 9 -35.93 -18.90 -33.18
N TYR G 10 -35.63 -17.77 -32.57
CA TYR G 10 -34.84 -16.75 -33.20
C TYR G 10 -33.80 -16.17 -32.25
N VAL G 11 -32.67 -15.83 -32.87
CA VAL G 11 -31.67 -14.97 -32.28
C VAL G 11 -32.00 -13.59 -32.80
N SER G 12 -32.08 -12.64 -31.88
CA SER G 12 -32.32 -11.26 -32.18
C SER G 12 -31.09 -10.46 -31.77
N VAL G 13 -30.63 -9.59 -32.65
CA VAL G 13 -29.61 -8.60 -32.30
C VAL G 13 -30.25 -7.21 -32.24
N ARG G 14 -30.25 -6.59 -31.08
CA ARG G 14 -30.81 -5.25 -30.90
C ARG G 14 -29.92 -4.38 -30.05
N ASP G 15 -30.05 -3.06 -30.23
CA ASP G 15 -29.48 -2.07 -29.33
C ASP G 15 -30.57 -1.67 -28.33
N PHE G 16 -30.34 -1.92 -27.04
CA PHE G 16 -31.28 -1.57 -25.96
C PHE G 16 -30.55 -0.67 -24.96
N LYS G 17 -31.14 0.49 -24.68
CA LYS G 17 -30.57 1.45 -23.73
C LYS G 17 -29.04 1.68 -23.87
N GLY G 18 -28.57 1.94 -25.09
CA GLY G 18 -27.14 2.20 -25.37
C GLY G 18 -26.24 0.98 -25.66
N LYS G 19 -26.73 -0.22 -25.35
CA LYS G 19 -25.92 -1.43 -25.30
C LYS G 19 -26.52 -2.56 -26.18
N VAL G 20 -25.65 -3.40 -26.73
CA VAL G 20 -26.04 -4.45 -27.68
C VAL G 20 -26.34 -5.74 -26.97
N LEU G 21 -27.40 -6.40 -27.43
CA LEU G 21 -27.83 -7.69 -26.89
C LEU G 21 -28.02 -8.73 -27.98
N ILE G 22 -27.43 -9.90 -27.77
CA ILE G 22 -27.67 -11.05 -28.61
C ILE G 22 -28.66 -11.88 -27.82
N ASP G 23 -29.88 -11.97 -28.32
CA ASP G 23 -30.98 -12.61 -27.61
C ASP G 23 -31.44 -13.90 -28.31
N ILE G 24 -31.23 -15.02 -27.65
CA ILE G 24 -31.62 -16.34 -28.14
C ILE G 24 -32.93 -16.71 -27.44
N ARG G 25 -34.03 -16.88 -28.21
CA ARG G 25 -35.36 -16.96 -27.61
C ARG G 25 -36.42 -17.78 -28.38
N GLU G 26 -37.33 -18.38 -27.61
CA GLU G 26 -38.58 -18.98 -28.11
C GLU G 26 -39.63 -17.90 -28.43
N TYR G 27 -40.38 -18.08 -29.52
CA TYR G 27 -41.44 -17.16 -29.92
C TYR G 27 -42.78 -17.89 -30.08
N TRP G 28 -43.87 -17.24 -29.66
CA TRP G 28 -45.22 -17.67 -29.99
C TRP G 28 -45.65 -16.96 -31.26
N MET G 29 -46.61 -17.55 -31.98
CA MET G 29 -47.38 -16.83 -33.00
C MET G 29 -48.78 -16.42 -32.45
N ASP G 30 -49.11 -15.14 -32.57
CA ASP G 30 -50.41 -14.60 -32.12
C ASP G 30 -51.50 -14.89 -33.18
N PRO G 31 -52.79 -14.61 -32.85
CA PRO G 31 -53.88 -14.93 -33.78
C PRO G 31 -53.84 -14.22 -35.13
N GLU G 32 -53.17 -13.07 -35.22
CA GLU G 32 -52.97 -12.39 -36.51
C GLU G 32 -51.74 -12.92 -37.28
N GLY G 33 -51.13 -14.02 -36.82
CA GLY G 33 -49.95 -14.57 -37.48
C GLY G 33 -48.61 -13.87 -37.21
N GLU G 34 -48.59 -12.92 -36.28
CA GLU G 34 -47.37 -12.18 -35.92
C GLU G 34 -46.63 -12.93 -34.81
N MET G 35 -45.30 -12.97 -34.94
CA MET G 35 -44.46 -13.65 -33.94
C MET G 35 -44.23 -12.72 -32.77
N LYS G 36 -44.23 -13.27 -31.57
CA LYS G 36 -44.03 -12.51 -30.33
C LYS G 36 -43.09 -13.27 -29.40
N PRO G 37 -42.17 -12.56 -28.73
CA PRO G 37 -41.17 -13.21 -27.88
C PRO G 37 -41.72 -13.85 -26.66
N GLY G 38 -41.41 -15.12 -26.44
CA GLY G 38 -41.89 -15.90 -25.27
C GLY G 38 -40.96 -15.79 -24.09
N ARG G 39 -41.34 -16.43 -22.99
CA ARG G 39 -40.62 -16.33 -21.69
C ARG G 39 -39.24 -17.04 -21.67
N LYS G 40 -39.10 -18.08 -22.49
CA LYS G 40 -37.87 -18.90 -22.50
C LYS G 40 -36.87 -18.35 -23.52
N GLY G 41 -35.96 -17.55 -23.00
CA GLY G 41 -34.87 -16.99 -23.78
C GLY G 41 -33.79 -16.43 -22.86
N ILE G 42 -32.73 -15.91 -23.46
CA ILE G 42 -31.62 -15.31 -22.72
C ILE G 42 -31.00 -14.20 -23.57
N SER G 43 -30.80 -13.05 -22.93
CA SER G 43 -30.10 -11.92 -23.52
C SER G 43 -28.64 -11.92 -23.05
N LEU G 44 -27.72 -12.09 -24.01
CA LEU G 44 -26.29 -12.08 -23.76
C LEU G 44 -25.76 -10.72 -24.26
N ASN G 45 -24.75 -10.20 -23.55
CA ASN G 45 -23.96 -9.07 -24.08
C ASN G 45 -22.84 -9.63 -24.99
N PRO G 46 -22.16 -8.76 -25.76
CA PRO G 46 -21.16 -9.24 -26.70
C PRO G 46 -19.99 -10.05 -26.11
N GLU G 47 -19.59 -9.76 -24.87
CA GLU G 47 -18.52 -10.52 -24.20
C GLU G 47 -18.97 -11.96 -23.92
N GLN G 48 -20.19 -12.08 -23.43
CA GLN G 48 -20.77 -13.39 -23.12
C GLN G 48 -21.00 -14.21 -24.39
N TRP G 49 -21.44 -13.54 -25.44
CA TRP G 49 -21.61 -14.15 -26.77
C TRP G 49 -20.28 -14.67 -27.24
N SER G 50 -19.24 -13.86 -27.08
CA SER G 50 -17.90 -14.26 -27.46
C SER G 50 -17.46 -15.52 -26.68
N GLN G 51 -17.74 -15.54 -25.38
CA GLN G 51 -17.42 -16.70 -24.56
C GLN G 51 -18.18 -17.94 -24.96
N LEU G 52 -19.41 -17.76 -25.41
CA LEU G 52 -20.22 -18.87 -25.94
C LEU G 52 -19.50 -19.46 -27.14
N LYS G 53 -19.16 -18.60 -28.09
CA LYS G 53 -18.46 -19.00 -29.30
C LYS G 53 -17.13 -19.68 -28.98
N GLU G 54 -16.38 -19.13 -28.04
CA GLU G 54 -15.07 -19.69 -27.66
C GLU G 54 -15.17 -21.11 -27.14
N GLN G 55 -16.34 -21.46 -26.61
CA GLN G 55 -16.57 -22.78 -26.07
C GLN G 55 -17.27 -23.77 -26.96
N ILE G 56 -17.46 -23.39 -28.23
CA ILE G 56 -18.24 -24.19 -29.15
C ILE G 56 -17.63 -25.56 -29.29
N SER G 57 -16.32 -25.59 -29.50
CA SER G 57 -15.60 -26.84 -29.65
C SER G 57 -15.83 -27.84 -28.52
N ASP G 58 -15.71 -27.34 -27.31
CA ASP G 58 -15.87 -28.17 -26.10
C ASP G 58 -17.31 -28.60 -25.92
N ILE G 59 -18.25 -27.68 -26.16
CA ILE G 59 -19.69 -27.98 -26.10
C ILE G 59 -20.01 -29.07 -27.11
N ASP G 60 -19.55 -28.88 -28.34
CA ASP G 60 -19.77 -29.84 -29.40
C ASP G 60 -19.24 -31.22 -29.04
N ASP G 61 -18.07 -31.29 -28.40
CA ASP G 61 -17.50 -32.57 -27.94
C ASP G 61 -18.42 -33.27 -26.97
N ALA G 62 -18.90 -32.50 -25.99
CA ALA G 62 -19.87 -32.99 -25.03
C ALA G 62 -21.12 -33.54 -25.70
N VAL G 63 -21.69 -32.75 -26.62
CA VAL G 63 -22.88 -33.15 -27.39
C VAL G 63 -22.62 -34.47 -28.13
N ARG G 64 -21.43 -34.60 -28.72
CA ARG G 64 -21.12 -35.73 -29.59
C ARG G 64 -20.96 -37.02 -28.79
N LYS G 65 -20.51 -36.90 -27.54
CA LYS G 65 -20.42 -38.07 -26.64
C LYS G 65 -21.80 -38.58 -26.17
N LEU G 66 -22.88 -38.10 -26.79
CA LEU G 66 -24.22 -38.59 -26.59
C LEU G 66 -24.80 -38.89 -28.02
N ALA H 1 -20.94 -31.96 -19.50
CA ALA H 1 -21.38 -31.27 -18.23
C ALA H 1 -21.62 -29.77 -18.49
N MET H 2 -20.86 -28.88 -17.83
CA MET H 2 -21.17 -27.43 -17.80
C MET H 2 -20.04 -26.61 -18.40
N PHE H 3 -20.40 -25.47 -18.99
CA PHE H 3 -19.47 -24.59 -19.70
C PHE H 3 -19.90 -23.17 -19.43
N GLN H 4 -19.04 -22.41 -18.80
CA GLN H 4 -19.38 -21.09 -18.37
C GLN H 4 -19.23 -20.07 -19.48
N ILE H 5 -20.22 -19.23 -19.64
CA ILE H 5 -20.10 -18.14 -20.60
C ILE H 5 -20.11 -16.76 -19.98
N GLY H 6 -20.29 -16.70 -18.67
CA GLY H 6 -20.35 -15.43 -17.97
C GLY H 6 -20.46 -15.63 -16.46
N LYS H 7 -20.47 -14.54 -15.72
CA LYS H 7 -20.75 -14.64 -14.31
C LYS H 7 -22.13 -15.22 -14.21
N MET H 8 -22.19 -16.41 -13.65
CA MET H 8 -23.44 -17.13 -13.39
C MET H 8 -24.32 -17.40 -14.61
N ARG H 9 -23.69 -17.59 -15.76
CA ARG H 9 -24.39 -17.98 -16.95
C ARG H 9 -23.66 -19.20 -17.47
N TYR H 10 -24.38 -20.25 -17.81
CA TYR H 10 -23.74 -21.49 -18.26
C TYR H 10 -24.52 -22.18 -19.35
N VAL H 11 -23.76 -22.90 -20.17
CA VAL H 11 -24.31 -23.79 -21.16
C VAL H 11 -24.14 -25.16 -20.54
N SER H 12 -25.22 -25.90 -20.52
CA SER H 12 -25.24 -27.23 -19.96
C SER H 12 -25.59 -28.19 -21.08
N VAL H 13 -24.83 -29.27 -21.16
CA VAL H 13 -25.09 -30.31 -22.15
C VAL H 13 -25.48 -31.57 -21.40
N ARG H 14 -26.72 -31.99 -21.61
CA ARG H 14 -27.32 -33.02 -20.80
C ARG H 14 -28.14 -33.96 -21.67
N ASP H 15 -28.26 -35.20 -21.22
CA ASP H 15 -29.26 -36.14 -21.72
C ASP H 15 -30.49 -36.06 -20.81
N PHE H 16 -31.64 -35.65 -21.36
CA PHE H 16 -32.90 -35.62 -20.61
C PHE H 16 -33.92 -36.50 -21.34
N LYS H 17 -34.45 -37.47 -20.59
CA LYS H 17 -35.45 -38.43 -21.09
C LYS H 17 -35.18 -38.97 -22.51
N GLY H 18 -33.98 -39.50 -22.73
CA GLY H 18 -33.61 -40.07 -24.05
C GLY H 18 -32.97 -39.14 -25.06
N LYS H 19 -33.06 -37.83 -24.85
CA LYS H 19 -32.71 -36.82 -25.86
C LYS H 19 -31.74 -35.76 -25.33
N VAL H 20 -30.95 -35.19 -26.23
CA VAL H 20 -29.84 -34.30 -25.86
C VAL H 20 -30.29 -32.86 -25.93
N LEU H 21 -29.84 -32.08 -24.93
CA LEU H 21 -30.19 -30.67 -24.82
C LEU H 21 -28.99 -29.77 -24.58
N ILE H 22 -28.90 -28.72 -25.38
CA ILE H 22 -27.88 -27.68 -25.21
C ILE H 22 -28.62 -26.54 -24.59
N ASP H 23 -28.34 -26.32 -23.30
CA ASP H 23 -29.12 -25.39 -22.51
C ASP H 23 -28.29 -24.17 -22.09
N ILE H 24 -28.68 -23.02 -22.62
CA ILE H 24 -27.99 -21.76 -22.41
C ILE H 24 -28.82 -20.94 -21.41
N ARG H 25 -28.26 -20.66 -20.24
CA ARG H 25 -29.10 -20.22 -19.12
C ARG H 25 -28.39 -19.38 -18.05
N GLU H 26 -29.17 -18.48 -17.44
CA GLU H 26 -28.79 -17.76 -16.22
C GLU H 26 -28.99 -18.63 -14.97
N TYR H 27 -28.08 -18.53 -14.01
CA TYR H 27 -28.16 -19.28 -12.74
C TYR H 27 -28.18 -18.30 -11.53
N TRP H 28 -28.97 -18.65 -10.51
CA TRP H 28 -28.90 -18.00 -9.21
C TRP H 28 -28.00 -18.83 -8.30
N MET H 29 -27.62 -18.23 -7.19
CA MET H 29 -26.93 -18.95 -6.14
C MET H 29 -27.87 -18.99 -4.97
N ASP H 30 -28.08 -20.17 -4.40
CA ASP H 30 -29.02 -20.32 -3.30
C ASP H 30 -28.40 -19.93 -1.94
N PRO H 31 -29.20 -19.97 -0.90
CA PRO H 31 -28.73 -19.65 0.44
C PRO H 31 -27.68 -20.59 0.98
N GLU H 32 -27.70 -21.81 0.51
CA GLU H 32 -26.76 -22.85 0.91
C GLU H 32 -25.48 -22.86 0.05
N GLY H 33 -25.37 -21.89 -0.85
CA GLY H 33 -24.19 -21.72 -1.69
C GLY H 33 -24.18 -22.46 -3.01
N GLU H 34 -25.18 -23.31 -3.26
CA GLU H 34 -25.26 -24.06 -4.51
C GLU H 34 -25.80 -23.15 -5.62
N MET H 35 -25.49 -23.52 -6.86
CA MET H 35 -25.93 -22.78 -8.03
C MET H 35 -27.14 -23.48 -8.57
N LYS H 36 -28.12 -22.70 -9.01
CA LYS H 36 -29.39 -23.27 -9.42
C LYS H 36 -29.88 -22.56 -10.67
N PRO H 37 -30.48 -23.31 -11.61
CA PRO H 37 -30.91 -22.71 -12.88
C PRO H 37 -32.07 -21.74 -12.72
N GLY H 38 -31.93 -20.54 -13.25
CA GLY H 38 -32.97 -19.53 -13.23
C GLY H 38 -33.91 -19.67 -14.43
N ARG H 39 -34.89 -18.78 -14.49
CA ARG H 39 -35.97 -18.86 -15.49
C ARG H 39 -35.53 -18.32 -16.84
N LYS H 40 -34.51 -17.46 -16.87
CA LYS H 40 -34.01 -16.86 -18.12
C LYS H 40 -32.98 -17.78 -18.82
N GLY H 41 -33.47 -18.59 -19.76
CA GLY H 41 -32.63 -19.54 -20.49
C GLY H 41 -33.40 -20.19 -21.62
N ILE H 42 -32.71 -21.01 -22.41
CA ILE H 42 -33.32 -21.71 -23.54
C ILE H 42 -32.67 -23.09 -23.76
N SER H 43 -33.51 -24.10 -23.96
CA SER H 43 -33.07 -25.43 -24.33
C SER H 43 -33.21 -25.60 -25.84
N LEU H 44 -32.06 -25.87 -26.45
CA LEU H 44 -31.94 -26.16 -27.86
C LEU H 44 -31.66 -27.64 -27.97
N ASN H 45 -32.21 -28.25 -29.00
CA ASN H 45 -31.84 -29.62 -29.40
C ASN H 45 -30.64 -29.50 -30.36
N PRO H 46 -29.99 -30.63 -30.71
CA PRO H 46 -28.77 -30.55 -31.51
C PRO H 46 -28.90 -29.82 -32.83
N GLU H 47 -30.07 -29.97 -33.47
CA GLU H 47 -30.35 -29.37 -34.77
C GLU H 47 -30.42 -27.85 -34.65
N GLN H 48 -31.10 -27.39 -33.60
CA GLN H 48 -31.23 -25.96 -33.32
C GLN H 48 -29.90 -25.32 -32.95
N TRP H 49 -29.12 -26.06 -32.16
CA TRP H 49 -27.77 -25.64 -31.79
C TRP H 49 -26.94 -25.48 -33.05
N SER H 50 -27.03 -26.48 -33.94
CA SER H 50 -26.37 -26.38 -35.23
C SER H 50 -26.77 -25.13 -36.03
N GLN H 51 -28.09 -24.86 -36.08
CA GLN H 51 -28.59 -23.71 -36.80
C GLN H 51 -28.10 -22.40 -36.16
N LEU H 52 -27.94 -22.39 -34.84
CA LEU H 52 -27.40 -21.21 -34.16
C LEU H 52 -25.98 -20.97 -34.65
N LYS H 53 -25.17 -22.03 -34.59
CA LYS H 53 -23.78 -21.95 -35.05
C LYS H 53 -23.67 -21.51 -36.52
N GLU H 54 -24.53 -22.06 -37.37
CA GLU H 54 -24.58 -21.68 -38.80
C GLU H 54 -24.89 -20.21 -39.01
N GLN H 55 -25.53 -19.56 -38.04
CA GLN H 55 -25.82 -18.13 -38.12
C GLN H 55 -24.86 -17.19 -37.41
N ILE H 56 -23.76 -17.74 -36.89
CA ILE H 56 -22.82 -16.95 -36.09
C ILE H 56 -22.27 -15.83 -36.91
N SER H 57 -21.89 -16.14 -38.13
CA SER H 57 -21.38 -15.14 -39.06
C SER H 57 -22.30 -13.92 -39.21
N ASP H 58 -23.57 -14.19 -39.51
CA ASP H 58 -24.56 -13.12 -39.69
C ASP H 58 -24.90 -12.40 -38.40
N ILE H 59 -24.96 -13.14 -37.30
CA ILE H 59 -25.21 -12.58 -35.99
C ILE H 59 -24.06 -11.64 -35.69
N ASP H 60 -22.85 -12.08 -35.96
CA ASP H 60 -21.68 -11.28 -35.68
C ASP H 60 -21.63 -10.03 -36.49
N ASP H 61 -22.08 -10.10 -37.73
CA ASP H 61 -22.12 -8.94 -38.59
C ASP H 61 -23.06 -7.91 -38.03
N ALA H 62 -24.22 -8.36 -37.58
CA ALA H 62 -25.18 -7.47 -36.96
C ALA H 62 -24.61 -6.88 -35.70
N VAL H 63 -23.91 -7.68 -34.91
CA VAL H 63 -23.39 -7.18 -33.66
C VAL H 63 -22.39 -6.10 -33.97
N ARG H 64 -21.66 -6.22 -35.05
CA ARG H 64 -20.75 -5.12 -35.38
C ARG H 64 -21.51 -3.93 -35.99
N LYS H 65 -22.37 -3.36 -35.16
CA LYS H 65 -23.22 -2.19 -35.41
C LYS H 65 -22.80 -1.21 -34.33
N LEU H 66 -21.49 -1.06 -34.21
CA LEU H 66 -20.83 -0.36 -33.13
C LEU H 66 -20.08 0.85 -33.73
N ALA I 1 1.18 -10.00 -39.40
CA ALA I 1 2.66 -9.76 -39.30
C ALA I 1 3.00 -8.27 -39.53
N MET I 2 4.05 -7.97 -40.31
CA MET I 2 4.54 -6.59 -40.57
C MET I 2 4.34 -6.18 -42.02
N PHE I 3 4.16 -4.89 -42.25
CA PHE I 3 3.84 -4.35 -43.58
C PHE I 3 4.53 -3.01 -43.72
N GLN I 4 5.40 -2.88 -44.72
CA GLN I 4 6.26 -1.71 -44.83
C GLN I 4 5.53 -0.62 -45.57
N ILE I 5 5.64 0.61 -45.07
CA ILE I 5 5.02 1.76 -45.71
C ILE I 5 6.00 2.90 -46.03
N GLY I 6 7.29 2.69 -45.76
CA GLY I 6 8.32 3.71 -45.97
C GLY I 6 9.65 3.16 -45.53
N LYS I 7 10.72 3.91 -45.72
CA LYS I 7 12.08 3.37 -45.55
C LYS I 7 12.39 2.73 -44.16
N MET I 8 11.91 3.36 -43.08
CA MET I 8 12.08 2.90 -41.72
C MET I 8 10.74 2.86 -41.00
N ARG I 9 9.67 2.55 -41.75
CA ARG I 9 8.28 2.68 -41.26
C ARG I 9 7.41 1.47 -41.54
N TYR I 10 6.76 0.94 -40.50
CA TYR I 10 5.98 -0.28 -40.63
C TYR I 10 4.67 -0.21 -39.89
N VAL I 11 3.66 -0.83 -40.49
CA VAL I 11 2.40 -1.19 -39.85
C VAL I 11 2.52 -2.61 -39.36
N SER I 12 2.26 -2.82 -38.08
CA SER I 12 2.43 -4.11 -37.43
C SER I 12 1.11 -4.52 -36.86
N VAL I 13 0.69 -5.76 -37.13
CA VAL I 13 -0.56 -6.27 -36.61
C VAL I 13 -0.22 -7.36 -35.60
N ARG I 14 -0.61 -7.14 -34.35
CA ARG I 14 -0.21 -7.98 -33.22
C ARG I 14 -1.36 -8.16 -32.23
N ASP I 15 -1.28 -9.28 -31.50
CA ASP I 15 -2.08 -9.49 -30.29
C ASP I 15 -1.17 -9.09 -29.11
N PHE I 16 -1.61 -8.09 -28.36
CA PHE I 16 -0.82 -7.49 -27.27
C PHE I 16 -1.73 -7.54 -26.02
N LYS I 17 -1.17 -8.11 -24.95
CA LYS I 17 -1.96 -8.72 -23.90
C LYS I 17 -3.05 -9.52 -24.63
N GLY I 18 -4.33 -9.27 -24.33
CA GLY I 18 -5.40 -10.07 -24.93
C GLY I 18 -6.07 -9.44 -26.13
N LYS I 19 -5.50 -8.33 -26.63
CA LYS I 19 -6.22 -7.42 -27.54
C LYS I 19 -5.43 -7.09 -28.82
N VAL I 20 -6.17 -6.81 -29.90
CA VAL I 20 -5.62 -6.68 -31.24
C VAL I 20 -5.22 -5.23 -31.53
N LEU I 21 -4.03 -5.03 -32.09
CA LEU I 21 -3.52 -3.69 -32.40
C LEU I 21 -2.93 -3.57 -33.79
N ILE I 22 -3.37 -2.54 -34.51
CA ILE I 22 -2.76 -2.14 -35.77
C ILE I 22 -1.82 -0.98 -35.40
N ASP I 23 -0.53 -1.22 -35.51
CA ASP I 23 0.48 -0.26 -35.03
C ASP I 23 1.27 0.38 -36.19
N ILE I 24 1.11 1.68 -36.35
CA ILE I 24 1.77 2.45 -37.41
C ILE I 24 2.95 3.22 -36.77
N ARG I 25 4.19 2.92 -37.18
CA ARG I 25 5.37 3.31 -36.40
C ARG I 25 6.68 3.43 -37.17
N GLU I 26 7.53 4.35 -36.71
CA GLU I 26 8.94 4.49 -37.13
C GLU I 26 9.82 3.49 -36.40
N TYR I 27 10.83 2.98 -37.10
CA TYR I 27 11.77 2.03 -36.53
C TYR I 27 13.21 2.53 -36.70
N TRP I 28 14.06 2.23 -35.72
CA TRP I 28 15.52 2.37 -35.83
C TRP I 28 16.07 1.03 -36.29
N MET I 29 17.28 1.04 -36.86
CA MET I 29 18.05 -0.18 -37.09
C MET I 29 19.20 -0.25 -36.09
N ASP I 30 19.29 -1.36 -35.34
CA ASP I 30 20.39 -1.55 -34.37
C ASP I 30 21.67 -2.02 -35.10
N PRO I 31 22.82 -2.04 -34.40
CA PRO I 31 24.09 -2.39 -35.07
C PRO I 31 24.18 -3.82 -35.67
N GLU I 32 23.36 -4.75 -35.18
CA GLU I 32 23.24 -6.10 -35.74
C GLU I 32 22.28 -6.15 -36.94
N GLY I 33 21.80 -4.99 -37.39
CA GLY I 33 20.92 -4.88 -38.55
C GLY I 33 19.46 -5.18 -38.28
N GLU I 34 19.10 -5.34 -37.01
CA GLU I 34 17.72 -5.66 -36.60
C GLU I 34 16.94 -4.35 -36.43
N MET I 35 15.70 -4.34 -36.92
CA MET I 35 14.83 -3.18 -36.83
C MET I 35 14.18 -3.20 -35.45
N LYS I 36 14.11 -2.03 -34.82
CA LYS I 36 13.58 -1.90 -33.47
C LYS I 36 12.63 -0.69 -33.39
N PRO I 37 11.50 -0.84 -32.70
CA PRO I 37 10.47 0.19 -32.73
C PRO I 37 10.88 1.48 -32.03
N GLY I 38 10.69 2.60 -32.71
CA GLY I 38 11.00 3.94 -32.19
C GLY I 38 9.80 4.51 -31.46
N ARG I 39 9.95 5.74 -31.00
CA ARG I 39 8.94 6.36 -30.14
C ARG I 39 7.80 6.94 -30.95
N LYS I 40 8.06 7.30 -32.21
CA LYS I 40 7.05 7.93 -33.06
C LYS I 40 6.20 6.87 -33.77
N GLY I 41 5.08 6.56 -33.15
CA GLY I 41 4.09 5.65 -33.68
C GLY I 41 2.78 5.79 -32.91
N ILE I 42 1.80 4.96 -33.29
CA ILE I 42 0.50 4.93 -32.62
C ILE I 42 -0.09 3.53 -32.81
N SER I 43 -0.66 3.01 -31.73
CA SER I 43 -1.33 1.71 -31.74
C SER I 43 -2.82 1.95 -31.78
N LEU I 44 -3.45 1.49 -32.88
CA LEU I 44 -4.89 1.61 -33.12
C LEU I 44 -5.55 0.27 -32.82
N ASN I 45 -6.73 0.29 -32.23
CA ASN I 45 -7.58 -0.91 -32.16
C ASN I 45 -8.41 -1.02 -33.47
N PRO I 46 -9.08 -2.16 -33.69
CA PRO I 46 -9.78 -2.39 -34.97
C PRO I 46 -10.86 -1.35 -35.30
N GLU I 47 -11.50 -0.81 -34.27
CA GLU I 47 -12.56 0.21 -34.48
C GLU I 47 -11.96 1.50 -35.06
N GLN I 48 -10.84 1.92 -34.48
CA GLN I 48 -10.11 3.12 -34.90
C GLN I 48 -9.56 2.95 -36.31
N TRP I 49 -9.03 1.77 -36.57
CA TRP I 49 -8.54 1.38 -37.88
C TRP I 49 -9.68 1.49 -38.89
N SER I 50 -10.84 0.97 -38.52
CA SER I 50 -12.02 1.05 -39.40
C SER I 50 -12.41 2.47 -39.73
N GLN I 51 -12.45 3.31 -38.69
CA GLN I 51 -12.71 4.74 -38.89
C GLN I 51 -11.68 5.43 -39.79
N LEU I 52 -10.42 5.01 -39.70
CA LEU I 52 -9.37 5.54 -40.54
C LEU I 52 -9.67 5.23 -41.99
N LYS I 53 -9.94 3.96 -42.26
CA LYS I 53 -10.26 3.51 -43.61
C LYS I 53 -11.49 4.25 -44.17
N GLU I 54 -12.52 4.43 -43.34
CA GLU I 54 -13.72 5.15 -43.77
C GLU I 54 -13.44 6.57 -44.25
N GLN I 55 -12.40 7.19 -43.70
CA GLN I 55 -12.06 8.59 -44.01
C GLN I 55 -10.94 8.78 -45.05
N ILE I 56 -10.55 7.69 -45.70
CA ILE I 56 -9.51 7.71 -46.71
C ILE I 56 -9.79 8.75 -47.79
N SER I 57 -11.00 8.72 -48.35
CA SER I 57 -11.38 9.61 -49.45
C SER I 57 -11.20 11.08 -49.06
N ASP I 58 -11.66 11.40 -47.85
CA ASP I 58 -11.61 12.78 -47.35
C ASP I 58 -10.16 13.23 -47.11
N ILE I 59 -9.38 12.32 -46.52
CA ILE I 59 -7.96 12.53 -46.26
C ILE I 59 -7.23 12.75 -47.57
N ASP I 60 -7.46 11.86 -48.54
CA ASP I 60 -6.91 11.97 -49.91
C ASP I 60 -7.19 13.33 -50.54
N ASP I 61 -8.42 13.81 -50.40
CA ASP I 61 -8.79 15.10 -50.98
C ASP I 61 -7.94 16.22 -50.38
N ALA I 62 -7.85 16.23 -49.05
CA ALA I 62 -7.03 17.20 -48.34
C ALA I 62 -5.57 17.14 -48.77
N VAL I 63 -5.03 15.93 -48.90
CA VAL I 63 -3.64 15.71 -49.36
C VAL I 63 -3.43 16.29 -50.76
N ARG I 64 -4.41 16.08 -51.64
CA ARG I 64 -4.30 16.48 -53.04
C ARG I 64 -4.32 18.00 -53.20
N LYS I 65 -5.09 18.68 -52.34
CA LYS I 65 -5.14 20.16 -52.31
C LYS I 65 -3.82 20.81 -51.88
N LEU I 66 -2.76 20.01 -51.68
CA LEU I 66 -1.44 20.48 -51.29
C LEU I 66 -0.40 19.72 -52.12
N ALA J 1 -7.76 19.41 -42.96
CA ALA J 1 -8.71 19.47 -41.80
C ALA J 1 -8.46 18.33 -40.82
N MET J 2 -9.35 18.13 -39.87
CA MET J 2 -9.20 17.07 -38.88
C MET J 2 -10.31 16.04 -38.98
N PHE J 3 -9.91 14.79 -38.92
CA PHE J 3 -10.80 13.64 -39.04
C PHE J 3 -10.64 12.72 -37.84
N GLN J 4 -11.70 12.51 -37.08
CA GLN J 4 -11.65 11.66 -35.88
C GLN J 4 -11.57 10.21 -36.28
N ILE J 5 -10.89 9.41 -35.50
CA ILE J 5 -10.87 7.97 -35.76
C ILE J 5 -11.14 7.16 -34.49
N GLY J 6 -11.35 7.83 -33.37
CA GLY J 6 -11.55 7.17 -32.09
C GLY J 6 -11.74 8.24 -31.05
N LYS J 7 -12.11 7.84 -29.84
CA LYS J 7 -12.12 8.79 -28.75
C LYS J 7 -10.68 9.22 -28.56
N MET J 8 -10.51 10.54 -28.64
CA MET J 8 -9.23 11.20 -28.39
C MET J 8 -8.17 10.97 -29.50
N ARG J 9 -8.60 10.54 -30.68
CA ARG J 9 -7.68 10.17 -31.77
C ARG J 9 -8.08 10.77 -33.10
N TYR J 10 -7.13 11.46 -33.74
CA TYR J 10 -7.40 12.19 -34.96
C TYR J 10 -6.27 12.06 -35.98
N VAL J 11 -6.69 12.04 -37.24
CA VAL J 11 -5.81 12.20 -38.38
C VAL J 11 -5.89 13.66 -38.78
N SER J 12 -4.74 14.31 -38.88
CA SER J 12 -4.64 15.72 -39.26
C SER J 12 -3.88 15.83 -40.57
N VAL J 13 -4.42 16.61 -41.49
CA VAL J 13 -3.74 16.82 -42.74
C VAL J 13 -3.40 18.27 -42.75
N ARG J 14 -2.13 18.55 -42.96
CA ARG J 14 -1.64 19.91 -42.96
C ARG J 14 -0.36 20.02 -43.76
N ASP J 15 -0.02 21.23 -44.16
CA ASP J 15 1.24 21.44 -44.86
C ASP J 15 2.23 22.04 -43.90
N PHE J 16 3.39 21.41 -43.76
CA PHE J 16 4.39 21.94 -42.86
C PHE J 16 5.73 21.95 -43.54
N LYS J 17 6.49 23.01 -43.32
CA LYS J 17 7.83 23.13 -43.89
C LYS J 17 7.89 22.82 -45.40
N GLY J 18 6.83 23.21 -46.14
CA GLY J 18 6.75 22.97 -47.59
C GLY J 18 6.33 21.57 -48.02
N LYS J 19 6.06 20.68 -47.06
CA LYS J 19 5.73 19.27 -47.31
C LYS J 19 4.34 19.00 -46.74
N VAL J 20 3.66 18.00 -47.28
CA VAL J 20 2.35 17.63 -46.75
C VAL J 20 2.45 16.40 -45.84
N LEU J 21 1.78 16.45 -44.70
CA LEU J 21 1.78 15.34 -43.75
C LEU J 21 0.39 14.87 -43.35
N ILE J 22 0.20 13.55 -43.34
CA ILE J 22 -1.00 12.90 -42.82
C ILE J 22 -0.56 12.38 -41.46
N ASP J 23 -1.09 13.00 -40.41
CA ASP J 23 -0.62 12.78 -39.04
C ASP J 23 -1.69 12.06 -38.21
N ILE J 24 -1.36 10.83 -37.81
CA ILE J 24 -2.25 9.99 -37.05
C ILE J 24 -1.77 10.01 -35.58
N ARG J 25 -2.64 10.43 -34.66
CA ARG J 25 -2.18 10.80 -33.31
C ARG J 25 -3.24 10.76 -32.19
N GLU J 26 -2.77 10.50 -30.97
CA GLU J 26 -3.51 10.67 -29.71
C GLU J 26 -3.58 12.13 -29.30
N TYR J 27 -4.73 12.57 -28.79
CA TYR J 27 -4.91 13.94 -28.29
C TYR J 27 -5.37 13.94 -26.85
N TRP J 28 -4.94 14.94 -26.08
CA TRP J 28 -5.54 15.23 -24.77
C TRP J 28 -6.62 16.26 -24.99
N MET J 29 -7.57 16.32 -24.04
CA MET J 29 -8.51 17.42 -23.94
C MET J 29 -8.11 18.33 -22.80
N ASP J 30 -8.01 19.64 -23.06
CA ASP J 30 -7.67 20.58 -22.00
C ASP J 30 -8.93 21.00 -21.20
N PRO J 31 -8.74 21.83 -20.17
CA PRO J 31 -9.89 22.26 -19.35
C PRO J 31 -10.93 23.14 -20.09
N GLU J 32 -10.50 23.83 -21.13
CA GLU J 32 -11.38 24.60 -22.00
C GLU J 32 -12.13 23.76 -23.02
N GLY J 33 -11.85 22.45 -23.06
CA GLY J 33 -12.54 21.53 -23.95
C GLY J 33 -11.89 21.37 -25.32
N GLU J 34 -10.78 22.07 -25.57
CA GLU J 34 -10.06 21.98 -26.82
C GLU J 34 -9.15 20.77 -26.80
N MET J 35 -8.84 20.25 -27.97
CA MET J 35 -8.01 19.07 -28.12
C MET J 35 -6.60 19.51 -28.40
N LYS J 36 -5.64 18.86 -27.77
CA LYS J 36 -4.23 19.19 -28.00
C LYS J 36 -3.45 17.91 -28.28
N PRO J 37 -2.50 17.95 -29.24
CA PRO J 37 -1.81 16.74 -29.66
C PRO J 37 -0.87 16.15 -28.61
N GLY J 38 -1.03 14.86 -28.36
CA GLY J 38 -0.14 14.08 -27.48
C GLY J 38 1.11 13.57 -28.18
N ARG J 39 1.98 12.91 -27.42
CA ARG J 39 3.30 12.50 -27.92
C ARG J 39 3.24 11.23 -28.78
N LYS J 40 2.20 10.43 -28.59
CA LYS J 40 2.01 9.17 -29.30
C LYS J 40 1.24 9.40 -30.61
N GLY J 41 2.03 9.61 -31.66
CA GLY J 41 1.53 9.79 -33.02
C GLY J 41 2.67 9.64 -34.03
N ILE J 42 2.28 9.75 -35.30
CA ILE J 42 3.23 9.62 -36.41
C ILE J 42 2.76 10.45 -37.59
N SER J 43 3.72 11.18 -38.17
CA SER J 43 3.49 11.98 -39.39
C SER J 43 3.96 11.19 -40.62
N LEU J 44 3.02 10.86 -41.49
CA LEU J 44 3.32 10.14 -42.73
C LEU J 44 3.33 11.16 -43.85
N ASN J 45 4.22 10.97 -44.82
CA ASN J 45 4.19 11.77 -46.05
C ASN J 45 3.25 11.07 -47.01
N PRO J 46 2.86 11.75 -48.10
CA PRO J 46 1.85 11.16 -48.99
C PRO J 46 2.22 9.80 -49.59
N GLU J 47 3.50 9.58 -49.84
CA GLU J 47 3.95 8.31 -50.38
C GLU J 47 3.74 7.17 -49.41
N GLN J 48 4.09 7.40 -48.14
CA GLN J 48 3.89 6.43 -47.07
C GLN J 48 2.42 6.13 -46.82
N TRP J 49 1.62 7.18 -46.86
CA TRP J 49 0.18 7.09 -46.77
C TRP J 49 -0.36 6.22 -47.91
N SER J 50 0.15 6.47 -49.12
CA SER J 50 -0.22 5.67 -50.27
C SER J 50 0.09 4.19 -50.06
N GLN J 51 1.30 3.90 -49.59
CA GLN J 51 1.74 2.52 -49.35
C GLN J 51 0.90 1.87 -48.26
N LEU J 52 0.46 2.65 -47.27
CA LEU J 52 -0.47 2.17 -46.23
C LEU J 52 -1.75 1.73 -46.87
N LYS J 53 -2.36 2.63 -47.66
CA LYS J 53 -3.65 2.39 -48.34
C LYS J 53 -3.55 1.18 -49.23
N GLU J 54 -2.45 1.05 -49.97
CA GLU J 54 -2.26 -0.08 -50.87
C GLU J 54 -2.30 -1.43 -50.15
N GLN J 55 -1.93 -1.43 -48.87
CA GLN J 55 -1.83 -2.66 -48.06
C GLN J 55 -2.99 -2.85 -47.09
N ILE J 56 -4.07 -2.10 -47.28
CA ILE J 56 -5.21 -2.16 -46.36
C ILE J 56 -5.82 -3.57 -46.32
N SER J 57 -6.03 -4.12 -47.51
CA SER J 57 -6.51 -5.47 -47.69
C SER J 57 -5.69 -6.48 -46.87
N ASP J 58 -4.37 -6.41 -46.98
CA ASP J 58 -3.47 -7.35 -46.30
C ASP J 58 -3.50 -7.17 -44.80
N ILE J 59 -3.51 -5.90 -44.38
CA ILE J 59 -3.59 -5.53 -42.95
C ILE J 59 -4.90 -6.04 -42.37
N ASP J 60 -6.01 -5.75 -43.06
CA ASP J 60 -7.32 -6.25 -42.68
C ASP J 60 -7.37 -7.77 -42.52
N ASP J 61 -6.74 -8.48 -43.45
CA ASP J 61 -6.70 -9.94 -43.40
C ASP J 61 -6.06 -10.39 -42.10
N ALA J 62 -4.90 -9.81 -41.79
CA ALA J 62 -4.17 -10.10 -40.56
C ALA J 62 -5.01 -9.82 -39.31
N VAL J 63 -5.71 -8.69 -39.30
CA VAL J 63 -6.58 -8.32 -38.18
C VAL J 63 -7.71 -9.33 -38.00
N ARG J 64 -8.27 -9.79 -39.11
CA ARG J 64 -9.39 -10.75 -39.08
C ARG J 64 -8.97 -12.13 -38.58
N LYS J 65 -7.74 -12.54 -38.87
CA LYS J 65 -7.20 -13.82 -38.36
C LYS J 65 -6.95 -13.79 -36.84
N LEU J 66 -7.38 -12.74 -36.16
CA LEU J 66 -7.31 -12.62 -34.71
C LEU J 66 -8.72 -12.21 -34.23
N ALA K 1 43.57 -15.31 -23.71
CA ALA K 1 43.23 -14.72 -22.38
C ALA K 1 43.13 -13.18 -22.48
N MET K 2 43.89 -12.43 -21.66
CA MET K 2 43.68 -10.99 -21.44
C MET K 2 44.93 -10.24 -21.80
N PHE K 3 44.77 -9.00 -22.26
CA PHE K 3 45.89 -8.19 -22.75
C PHE K 3 45.69 -6.75 -22.36
N GLN K 4 46.61 -6.18 -21.59
CA GLN K 4 46.43 -4.84 -21.07
C GLN K 4 46.82 -3.83 -22.10
N ILE K 5 46.00 -2.80 -22.25
CA ILE K 5 46.30 -1.67 -23.14
C ILE K 5 46.27 -0.28 -22.48
N GLY K 6 46.15 -0.25 -21.15
CA GLY K 6 46.23 1.00 -20.41
C GLY K 6 45.87 0.77 -18.97
N LYS K 7 45.96 1.80 -18.14
CA LYS K 7 45.40 1.73 -16.79
C LYS K 7 43.94 1.35 -16.97
N MET K 8 43.59 0.18 -16.43
CA MET K 8 42.20 -0.28 -16.30
C MET K 8 41.48 -0.54 -17.62
N ARG K 9 42.28 -0.85 -18.62
CA ARG K 9 41.79 -1.17 -19.95
C ARG K 9 42.41 -2.45 -20.49
N TYR K 10 41.55 -3.37 -20.91
CA TYR K 10 41.99 -4.66 -21.36
C TYR K 10 41.25 -5.11 -22.62
N VAL K 11 42.01 -5.79 -23.47
CA VAL K 11 41.50 -6.53 -24.61
C VAL K 11 41.42 -7.96 -24.13
N SER K 12 40.26 -8.56 -24.28
CA SER K 12 40.03 -9.94 -23.87
C SER K 12 39.69 -10.74 -25.13
N VAL K 13 40.32 -11.90 -25.29
CA VAL K 13 39.98 -12.79 -26.37
C VAL K 13 39.34 -14.03 -25.76
N ARG K 14 38.08 -14.26 -26.13
CA ARG K 14 37.28 -15.34 -25.55
C ARG K 14 36.45 -16.03 -26.62
N ASP K 15 36.13 -17.28 -26.33
CA ASP K 15 35.17 -18.06 -27.07
C ASP K 15 33.83 -17.94 -26.32
N PHE K 16 32.85 -17.35 -26.99
CA PHE K 16 31.52 -17.11 -26.40
C PHE K 16 30.48 -17.72 -27.34
N LYS K 17 29.68 -18.61 -26.76
CA LYS K 17 28.70 -19.41 -27.51
C LYS K 17 29.17 -19.93 -28.89
N GLY K 18 30.34 -20.57 -28.96
CA GLY K 18 30.87 -21.11 -30.22
C GLY K 18 31.71 -20.19 -31.09
N LYS K 19 31.71 -18.89 -30.79
CA LYS K 19 32.32 -17.86 -31.64
C LYS K 19 33.32 -16.99 -30.90
N VAL K 20 34.31 -16.49 -31.63
CA VAL K 20 35.43 -15.76 -31.03
C VAL K 20 35.15 -14.27 -31.02
N LEU K 21 35.52 -13.62 -29.90
CA LEU K 21 35.34 -12.19 -29.72
C LEU K 21 36.58 -11.53 -29.18
N ILE K 22 36.99 -10.45 -29.85
CA ILE K 22 38.07 -9.59 -29.40
C ILE K 22 37.36 -8.42 -28.73
N ASP K 23 37.48 -8.36 -27.41
CA ASP K 23 36.74 -7.40 -26.60
C ASP K 23 37.65 -6.35 -25.99
N ILE K 24 37.47 -5.11 -26.43
CA ILE K 24 38.26 -3.98 -25.99
C ILE K 24 37.38 -3.20 -25.01
N ARG K 25 37.80 -3.11 -23.74
CA ARG K 25 36.91 -2.67 -22.67
C ARG K 25 37.58 -1.98 -21.48
N GLU K 26 36.85 -1.02 -20.93
CA GLU K 26 37.17 -0.37 -19.64
C GLU K 26 36.79 -1.26 -18.47
N TYR K 27 37.62 -1.26 -17.43
CA TYR K 27 37.36 -2.04 -16.22
C TYR K 27 37.35 -1.12 -14.99
N TRP K 28 36.42 -1.39 -14.07
CA TRP K 28 36.45 -0.78 -12.75
C TRP K 28 37.27 -1.69 -11.83
N MET K 29 37.76 -1.09 -10.74
CA MET K 29 38.31 -1.83 -9.60
C MET K 29 37.30 -1.80 -8.46
N ASP K 30 36.95 -2.98 -7.95
CA ASP K 30 36.02 -3.10 -6.83
C ASP K 30 36.79 -2.86 -5.52
N PRO K 31 36.07 -2.73 -4.39
CA PRO K 31 36.72 -2.46 -3.09
C PRO K 31 37.73 -3.49 -2.60
N GLU K 32 37.67 -4.72 -3.09
CA GLU K 32 38.65 -5.76 -2.77
C GLU K 32 39.87 -5.70 -3.69
N GLY K 33 39.95 -4.68 -4.54
CA GLY K 33 41.06 -4.55 -5.50
C GLY K 33 41.00 -5.39 -6.76
N GLU K 34 39.87 -6.08 -6.99
CA GLU K 34 39.66 -6.92 -8.17
C GLU K 34 39.11 -6.09 -9.33
N MET K 35 39.58 -6.41 -10.55
CA MET K 35 39.11 -5.75 -11.76
C MET K 35 37.82 -6.38 -12.24
N LYS K 36 36.89 -5.53 -12.69
CA LYS K 36 35.56 -5.94 -13.14
C LYS K 36 35.16 -5.16 -14.40
N PRO K 37 34.51 -5.80 -15.38
CA PRO K 37 34.28 -5.15 -16.66
C PRO K 37 33.23 -4.07 -16.60
N GLY K 38 33.56 -2.88 -17.10
CA GLY K 38 32.65 -1.75 -17.20
C GLY K 38 31.79 -1.81 -18.45
N ARG K 39 30.85 -0.88 -18.54
CA ARG K 39 29.87 -0.87 -19.61
C ARG K 39 30.45 -0.28 -20.92
N LYS K 40 31.50 0.52 -20.83
CA LYS K 40 32.18 1.06 -22.00
C LYS K 40 33.22 0.09 -22.58
N GLY K 41 32.79 -0.64 -23.58
CA GLY K 41 33.65 -1.56 -24.33
C GLY K 41 32.96 -1.96 -25.62
N ILE K 42 33.64 -2.80 -26.41
CA ILE K 42 33.06 -3.31 -27.65
C ILE K 42 33.61 -4.70 -27.92
N SER K 43 32.74 -5.63 -28.30
CA SER K 43 33.11 -6.96 -28.75
C SER K 43 33.13 -7.02 -30.29
N LEU K 44 34.32 -7.22 -30.85
CA LEU K 44 34.51 -7.38 -32.28
C LEU K 44 34.73 -8.85 -32.60
N ASN K 45 34.24 -9.30 -33.76
CA ASN K 45 34.58 -10.63 -34.27
C ASN K 45 35.88 -10.53 -35.08
N PRO K 46 36.49 -11.68 -35.44
CA PRO K 46 37.79 -11.63 -36.10
C PRO K 46 37.86 -10.85 -37.42
N GLU K 47 36.81 -10.86 -38.21
CA GLU K 47 36.83 -10.07 -39.43
C GLU K 47 36.83 -8.56 -39.16
N GLN K 48 36.08 -8.16 -38.15
CA GLN K 48 35.99 -6.77 -37.74
C GLN K 48 37.33 -6.28 -37.17
N TRP K 49 37.99 -7.19 -36.47
CA TRP K 49 39.30 -6.96 -35.92
C TRP K 49 40.27 -6.71 -37.06
N SER K 50 40.17 -7.52 -38.11
CA SER K 50 41.01 -7.35 -39.28
C SER K 50 40.80 -6.00 -39.92
N GLN K 51 39.53 -5.63 -40.03
CA GLN K 51 39.19 -4.36 -40.65
C GLN K 51 39.73 -3.21 -39.83
N LEU K 52 39.78 -3.38 -38.49
CA LEU K 52 40.37 -2.38 -37.62
C LEU K 52 41.86 -2.25 -37.93
N LYS K 53 42.55 -3.38 -37.91
CA LYS K 53 44.01 -3.44 -38.20
C LYS K 53 44.33 -2.85 -39.56
N GLU K 54 43.52 -3.19 -40.56
CA GLU K 54 43.69 -2.67 -41.93
C GLU K 54 43.64 -1.15 -42.02
N GLN K 55 42.91 -0.50 -41.11
CA GLN K 55 42.75 0.98 -41.10
C GLN K 55 43.69 1.75 -40.16
N ILE K 56 44.62 1.01 -39.55
CA ILE K 56 45.48 1.59 -38.53
C ILE K 56 46.26 2.80 -39.05
N SER K 57 46.86 2.63 -40.23
CA SER K 57 47.67 3.66 -40.85
C SER K 57 46.91 4.97 -41.03
N ASP K 58 45.68 4.87 -41.52
CA ASP K 58 44.82 6.05 -41.79
C ASP K 58 44.45 6.74 -40.47
N ILE K 59 44.11 5.90 -39.49
CA ILE K 59 43.74 6.34 -38.15
C ILE K 59 44.93 7.08 -37.51
N ASP K 60 46.11 6.45 -37.58
CA ASP K 60 47.36 7.07 -37.09
C ASP K 60 47.62 8.42 -37.71
N ASP K 61 47.40 8.55 -39.01
CA ASP K 61 47.63 9.83 -39.70
C ASP K 61 46.72 10.91 -39.14
N ALA K 62 45.45 10.56 -39.00
CA ALA K 62 44.45 11.45 -38.41
C ALA K 62 44.87 11.91 -37.01
N VAL K 63 45.29 10.92 -36.19
CA VAL K 63 45.74 11.16 -34.80
C VAL K 63 46.90 12.14 -34.76
N ARG K 64 47.83 11.94 -35.70
CA ARG K 64 49.10 12.67 -35.75
C ARG K 64 48.90 14.12 -36.07
N LYS K 65 47.91 14.41 -36.94
CA LYS K 65 47.56 15.80 -37.31
C LYS K 65 46.97 16.60 -36.14
N LEU K 66 46.88 15.98 -34.95
CA LEU K 66 46.38 16.61 -33.74
C LEU K 66 47.32 16.28 -32.57
N ALA L 1 38.96 12.19 -39.27
CA ALA L 1 37.48 11.91 -39.35
C ALA L 1 37.11 10.43 -39.00
N MET L 2 36.41 9.72 -39.91
CA MET L 2 35.77 8.42 -39.61
C MET L 2 36.33 7.29 -40.48
N PHE L 3 36.32 6.07 -39.93
CA PHE L 3 36.93 4.89 -40.56
C PHE L 3 36.09 3.67 -40.23
N GLN L 4 35.53 3.03 -41.25
CA GLN L 4 34.60 1.93 -41.03
C GLN L 4 35.34 0.64 -40.77
N ILE L 5 34.85 -0.16 -39.83
CA ILE L 5 35.42 -1.48 -39.55
C ILE L 5 34.43 -2.64 -39.64
N GLY L 6 33.20 -2.35 -40.05
CA GLY L 6 32.15 -3.35 -40.12
C GLY L 6 30.82 -2.68 -40.44
N LYS L 7 29.77 -3.47 -40.69
CA LYS L 7 28.46 -2.91 -40.85
C LYS L 7 28.17 -2.29 -39.48
N MET L 8 27.84 -1.00 -39.51
CA MET L 8 27.38 -0.25 -38.32
C MET L 8 28.47 -0.01 -37.29
N ARG L 9 29.73 -0.12 -37.68
CA ARG L 9 30.88 0.01 -36.75
C ARG L 9 31.98 0.91 -37.30
N TYR L 10 32.35 1.92 -36.52
CA TYR L 10 33.28 2.93 -36.97
C TYR L 10 34.23 3.37 -35.88
N VAL L 11 35.42 3.69 -36.36
CA VAL L 11 36.44 4.29 -35.54
C VAL L 11 36.40 5.76 -35.92
N SER L 12 36.32 6.61 -34.91
CA SER L 12 36.30 8.03 -35.06
C SER L 12 37.53 8.59 -34.39
N VAL L 13 38.26 9.43 -35.10
CA VAL L 13 39.40 10.12 -34.48
C VAL L 13 39.03 11.58 -34.37
N ARG L 14 38.96 12.07 -33.13
CA ARG L 14 38.42 13.39 -32.85
C ARG L 14 39.21 14.08 -31.78
N ASP L 15 39.19 15.41 -31.85
CA ASP L 15 39.69 16.26 -30.79
C ASP L 15 38.49 16.65 -29.93
N PHE L 16 38.52 16.28 -28.66
CA PHE L 16 37.45 16.59 -27.72
C PHE L 16 38.07 17.30 -26.52
N LYS L 17 37.55 18.50 -26.23
CA LYS L 17 38.04 19.37 -25.15
C LYS L 17 39.57 19.40 -24.97
N GLY L 18 40.31 19.65 -26.05
CA GLY L 18 41.79 19.74 -26.00
C GLY L 18 42.57 18.44 -26.25
N LYS L 19 41.88 17.29 -26.22
CA LYS L 19 42.55 15.98 -26.20
C LYS L 19 42.04 15.06 -27.32
N VAL L 20 42.95 14.25 -27.85
CA VAL L 20 42.68 13.40 -29.01
C VAL L 20 42.22 12.03 -28.56
N LEU L 21 41.19 11.51 -29.22
CA LEU L 21 40.56 10.24 -28.85
C LEU L 21 40.28 9.39 -30.07
N ILE L 22 40.70 8.15 -30.01
CA ILE L 22 40.40 7.18 -31.02
C ILE L 22 39.23 6.37 -30.45
N ASP L 23 38.06 6.52 -31.07
CA ASP L 23 36.83 5.96 -30.55
C ASP L 23 36.30 4.82 -31.46
N ILE L 24 36.27 3.61 -30.90
CA ILE L 24 35.85 2.39 -31.59
C ILE L 24 34.43 2.11 -31.11
N ARG L 25 33.46 2.11 -32.00
CA ARG L 25 32.06 2.12 -31.57
C ARG L 25 31.04 1.52 -32.53
N GLU L 26 29.97 0.95 -31.94
CA GLU L 26 28.75 0.55 -32.67
C GLU L 26 27.86 1.77 -32.92
N TYR L 27 27.24 1.81 -34.09
CA TYR L 27 26.32 2.89 -34.46
C TYR L 27 24.94 2.29 -34.83
N TRP L 28 23.86 2.97 -34.46
CA TRP L 28 22.53 2.65 -34.97
C TRP L 28 22.25 3.56 -36.16
N MET L 29 21.28 3.15 -37.00
CA MET L 29 20.64 4.03 -37.99
C MET L 29 19.26 4.46 -37.47
N ASP L 30 19.03 5.78 -37.41
CA ASP L 30 17.76 6.33 -36.94
C ASP L 30 16.71 6.30 -38.08
N PRO L 31 15.41 6.56 -37.77
CA PRO L 31 14.34 6.56 -38.78
C PRO L 31 14.50 7.49 -39.99
N GLU L 32 15.28 8.56 -39.85
CA GLU L 32 15.62 9.47 -40.97
C GLU L 32 16.84 8.98 -41.77
N GLY L 33 17.30 7.75 -41.53
CA GLY L 33 18.45 7.20 -42.21
C GLY L 33 19.82 7.71 -41.77
N GLU L 34 19.88 8.49 -40.69
CA GLU L 34 21.13 9.02 -40.16
C GLU L 34 21.77 8.02 -39.21
N MET L 35 23.08 7.87 -39.30
CA MET L 35 23.84 7.07 -38.34
C MET L 35 24.04 7.83 -37.03
N LYS L 36 23.87 7.13 -35.91
CA LYS L 36 24.02 7.71 -34.58
C LYS L 36 24.86 6.77 -33.70
N PRO L 37 25.75 7.32 -32.87
CA PRO L 37 26.60 6.49 -32.02
C PRO L 37 25.81 5.76 -30.92
N GLY L 38 26.02 4.45 -30.80
CA GLY L 38 25.40 3.65 -29.76
C GLY L 38 26.26 3.63 -28.52
N ARG L 39 25.77 2.92 -27.53
CA ARG L 39 26.43 2.90 -26.22
C ARG L 39 27.59 1.93 -26.17
N LYS L 40 27.63 0.94 -27.05
CA LYS L 40 28.73 -0.04 -27.09
C LYS L 40 29.91 0.47 -27.93
N GLY L 41 30.87 1.09 -27.23
CA GLY L 41 32.07 1.61 -27.81
C GLY L 41 33.05 1.94 -26.70
N ILE L 42 34.23 2.42 -27.11
CA ILE L 42 35.29 2.76 -26.18
C ILE L 42 36.13 3.89 -26.78
N SER L 43 36.47 4.89 -25.97
CA SER L 43 37.35 6.00 -26.35
C SER L 43 38.72 5.71 -25.80
N LEU L 44 39.70 5.55 -26.68
CA LEU L 44 41.10 5.34 -26.31
C LEU L 44 41.86 6.63 -26.55
N ASN L 45 42.82 6.94 -25.69
CA ASN L 45 43.77 8.05 -25.94
C ASN L 45 44.92 7.47 -26.77
N PRO L 46 45.78 8.32 -27.33
CA PRO L 46 46.82 7.84 -28.24
C PRO L 46 47.73 6.73 -27.70
N GLU L 47 48.05 6.85 -26.41
CA GLU L 47 48.94 5.92 -25.71
C GLU L 47 48.29 4.54 -25.65
N GLN L 48 47.01 4.49 -25.29
CA GLN L 48 46.24 3.25 -25.22
C GLN L 48 46.03 2.61 -26.58
N TRP L 49 45.75 3.44 -27.57
CA TRP L 49 45.67 3.01 -28.96
C TRP L 49 47.02 2.36 -29.38
N SER L 50 48.12 3.03 -29.02
CA SER L 50 49.45 2.53 -29.30
C SER L 50 49.69 1.16 -28.65
N GLN L 51 49.32 1.04 -27.37
CA GLN L 51 49.40 -0.24 -26.65
C GLN L 51 48.54 -1.34 -27.29
N LEU L 52 47.41 -0.98 -27.87
CA LEU L 52 46.56 -1.93 -28.58
C LEU L 52 47.32 -2.49 -29.75
N LYS L 53 47.84 -1.59 -30.58
CA LYS L 53 48.61 -1.97 -31.76
C LYS L 53 49.81 -2.84 -31.39
N GLU L 54 50.51 -2.47 -30.33
CA GLU L 54 51.69 -3.20 -29.85
C GLU L 54 51.36 -4.64 -29.51
N GLN L 55 50.11 -4.92 -29.14
CA GLN L 55 49.68 -6.28 -28.74
C GLN L 55 48.93 -7.07 -29.80
N ILE L 56 48.95 -6.55 -31.03
CA ILE L 56 48.20 -7.16 -32.12
C ILE L 56 48.64 -8.59 -32.34
N SER L 57 49.95 -8.77 -32.41
CA SER L 57 50.56 -10.08 -32.60
C SER L 57 50.04 -11.12 -31.61
N ASP L 58 50.07 -10.75 -30.33
CA ASP L 58 49.67 -11.63 -29.25
C ASP L 58 48.19 -11.88 -29.26
N ILE L 59 47.40 -10.83 -29.54
CA ILE L 59 45.95 -10.94 -29.68
C ILE L 59 45.62 -11.95 -30.80
N ASP L 60 46.27 -11.75 -31.94
CA ASP L 60 46.10 -12.63 -33.09
C ASP L 60 46.42 -14.08 -32.77
N ASP L 61 47.50 -14.30 -32.02
CA ASP L 61 47.88 -15.65 -31.60
C ASP L 61 46.76 -16.30 -30.78
N ALA L 62 46.30 -15.54 -29.80
CA ALA L 62 45.22 -15.93 -28.94
C ALA L 62 43.99 -16.26 -29.74
N VAL L 63 43.65 -15.44 -30.70
CA VAL L 63 42.51 -15.71 -31.55
C VAL L 63 42.65 -16.98 -32.39
N ARG L 64 43.84 -17.14 -32.93
CA ARG L 64 44.14 -18.19 -33.87
C ARG L 64 43.95 -19.56 -33.28
N LYS L 65 44.37 -19.76 -32.05
CA LYS L 65 44.12 -21.01 -31.40
C LYS L 65 42.81 -20.72 -30.82
N LEU L 66 41.75 -21.14 -31.51
CA LEU L 66 40.39 -20.68 -31.24
C LEU L 66 40.00 -20.62 -29.78
N ALA M 1 -19.16 9.47 22.30
CA ALA M 1 -17.67 9.69 22.39
C ALA M 1 -17.25 11.19 22.33
N MET M 2 -16.10 11.48 21.69
CA MET M 2 -15.56 12.85 21.50
C MET M 2 -15.61 13.27 20.04
N PHE M 3 -15.73 14.58 19.82
CA PHE M 3 -15.85 15.15 18.48
C PHE M 3 -15.11 16.47 18.49
N GLN M 4 -14.12 16.60 17.63
CA GLN M 4 -13.31 17.80 17.61
C GLN M 4 -14.00 18.91 16.81
N ILE M 5 -13.97 20.12 17.34
CA ILE M 5 -14.50 21.27 16.62
C ILE M 5 -13.47 22.37 16.32
N GLY M 6 -12.24 22.25 16.84
CA GLY M 6 -11.21 23.29 16.69
C GLY M 6 -9.92 22.71 17.24
N LYS M 7 -8.81 23.43 17.15
CA LYS M 7 -7.50 22.84 17.48
C LYS M 7 -7.36 22.20 18.89
N MET M 8 -7.91 22.85 19.91
CA MET M 8 -7.88 22.37 21.29
C MET M 8 -9.28 22.31 21.91
N ARG M 9 -10.26 21.99 21.07
CA ARG M 9 -11.67 22.12 21.41
C ARG M 9 -12.47 20.91 20.99
N TYR M 10 -13.23 20.36 21.94
CA TYR M 10 -13.99 19.15 21.69
C TYR M 10 -15.38 19.21 22.31
N VAL M 11 -16.32 18.57 21.62
CA VAL M 11 -17.64 18.25 22.14
C VAL M 11 -17.57 16.81 22.60
N SER M 12 -17.96 16.59 23.84
CA SER M 12 -17.93 15.26 24.48
C SER M 12 -19.35 14.88 24.85
N VAL M 13 -19.74 13.66 24.54
CA VAL M 13 -21.06 13.16 24.92
C VAL M 13 -20.82 12.06 25.92
N ARG M 14 -21.29 12.24 27.15
CA ARG M 14 -21.04 11.29 28.24
C ARG M 14 -22.30 11.12 29.10
N ASP M 15 -22.39 9.98 29.78
CA ASP M 15 -23.40 9.74 30.80
C ASP M 15 -22.75 10.05 32.16
N PHE M 16 -23.27 11.03 32.88
CA PHE M 16 -22.76 11.41 34.20
C PHE M 16 -23.90 11.29 35.19
N LYS M 17 -23.62 10.56 36.27
CA LYS M 17 -24.64 10.01 37.14
C LYS M 17 -25.57 9.31 36.13
N GLY M 18 -26.85 9.61 36.14
CA GLY M 18 -27.80 8.89 35.32
C GLY M 18 -28.20 9.66 34.08
N LYS M 19 -27.53 10.79 33.82
CA LYS M 19 -28.00 11.76 32.82
C LYS M 19 -26.94 12.08 31.75
N VAL M 20 -27.44 12.36 30.55
CA VAL M 20 -26.60 12.63 29.38
C VAL M 20 -26.20 14.10 29.31
N LEU M 21 -24.94 14.33 28.94
CA LEU M 21 -24.39 15.67 28.81
C LEU M 21 -23.65 15.86 27.50
N ILE M 22 -24.03 16.90 26.77
CA ILE M 22 -23.31 17.31 25.58
C ILE M 22 -22.40 18.46 26.02
N ASP M 23 -21.09 18.22 26.03
CA ASP M 23 -20.13 19.10 26.68
C ASP M 23 -19.19 19.75 25.64
N ILE M 24 -19.30 21.07 25.52
CA ILE M 24 -18.53 21.85 24.56
C ILE M 24 -17.44 22.57 25.34
N ARG M 25 -16.16 22.31 25.03
CA ARG M 25 -15.08 22.66 25.95
C ARG M 25 -13.68 22.79 25.34
N GLU M 26 -12.89 23.68 25.95
CA GLU M 26 -11.43 23.79 25.72
C GLU M 26 -10.62 22.72 26.49
N TYR M 27 -9.55 22.24 25.85
CA TYR M 27 -8.68 21.22 26.43
C TYR M 27 -7.21 21.68 26.40
N TRP M 28 -6.46 21.28 27.42
CA TRP M 28 -5.00 21.39 27.45
C TRP M 28 -4.44 20.08 27.01
N MET M 29 -3.20 20.08 26.53
CA MET M 29 -2.39 18.86 26.38
C MET M 29 -1.35 18.84 27.48
N ASP M 30 -1.31 17.75 28.23
CA ASP M 30 -0.29 17.54 29.25
C ASP M 30 1.05 17.03 28.62
N PRO M 31 2.14 17.00 29.41
CA PRO M 31 3.44 16.59 28.89
C PRO M 31 3.52 15.17 28.35
N GLU M 32 2.62 14.28 28.76
CA GLU M 32 2.53 12.91 28.20
C GLU M 32 1.72 12.86 26.88
N GLY M 33 1.32 14.04 26.37
CA GLY M 33 0.58 14.14 25.12
C GLY M 33 -0.90 13.86 25.24
N GLU M 34 -1.40 13.73 26.49
CA GLU M 34 -2.81 13.49 26.75
C GLU M 34 -3.57 14.79 26.86
N MET M 35 -4.74 14.83 26.24
CA MET M 35 -5.64 15.97 26.32
C MET M 35 -6.37 15.93 27.66
N LYS M 36 -6.49 17.09 28.32
CA LYS M 36 -7.17 17.22 29.61
C LYS M 36 -8.14 18.42 29.59
N PRO M 37 -9.31 18.28 30.20
CA PRO M 37 -10.33 19.33 30.07
C PRO M 37 -9.98 20.59 30.83
N GLY M 38 -10.06 21.75 30.17
CA GLY M 38 -9.87 23.06 30.78
C GLY M 38 -11.15 23.54 31.46
N ARG M 39 -11.04 24.70 32.09
CA ARG M 39 -12.16 25.26 32.85
C ARG M 39 -13.16 25.99 31.95
N LYS M 40 -12.76 26.42 30.74
CA LYS M 40 -13.67 27.08 29.79
C LYS M 40 -14.44 26.09 28.94
N GLY M 41 -15.64 25.78 29.41
CA GLY M 41 -16.59 24.94 28.70
C GLY M 41 -17.97 25.02 29.33
N ILE M 42 -18.87 24.20 28.78
CA ILE M 42 -20.24 24.10 29.31
C ILE M 42 -20.81 22.72 29.03
N SER M 43 -21.49 22.15 30.04
CA SER M 43 -22.20 20.87 29.89
C SER M 43 -23.69 21.17 29.67
N LEU M 44 -24.22 20.80 28.51
CA LEU M 44 -25.62 20.99 28.19
C LEU M 44 -26.33 19.67 28.35
N ASN M 45 -27.58 19.72 28.83
CA ASN M 45 -28.46 18.52 28.77
C ASN M 45 -29.11 18.40 27.37
N PRO M 46 -29.76 17.26 27.07
CA PRO M 46 -30.22 17.07 25.69
C PRO M 46 -31.27 18.06 25.20
N GLU M 47 -32.04 18.60 26.14
CA GLU M 47 -33.06 19.59 25.77
C GLU M 47 -32.41 20.91 25.37
N GLN M 48 -31.41 21.34 26.12
CA GLN M 48 -30.59 22.53 25.79
C GLN M 48 -29.83 22.39 24.45
N TRP M 49 -29.31 21.21 24.23
CA TRP M 49 -28.70 20.86 22.95
C TRP M 49 -29.73 21.01 21.82
N SER M 50 -30.93 20.48 22.05
CA SER M 50 -32.03 20.59 21.08
C SER M 50 -32.36 22.06 20.77
N GLN M 51 -32.44 22.87 21.82
CA GLN M 51 -32.72 24.27 21.65
C GLN M 51 -31.62 25.02 20.96
N LEU M 52 -30.38 24.60 21.15
CA LEU M 52 -29.24 25.15 20.41
C LEU M 52 -29.44 24.92 18.91
N LYS M 53 -29.67 23.66 18.57
CA LYS M 53 -29.88 23.27 17.19
C LYS M 53 -31.08 24.01 16.57
N GLU M 54 -32.16 24.15 17.32
CA GLU M 54 -33.35 24.83 16.82
C GLU M 54 -33.08 26.28 16.41
N GLN M 55 -32.12 26.90 17.07
CA GLN M 55 -31.78 28.30 16.86
C GLN M 55 -30.58 28.56 15.96
N ILE M 56 -30.16 27.52 15.24
CA ILE M 56 -29.05 27.61 14.34
C ILE M 56 -29.24 28.72 13.33
N SER M 57 -30.40 28.75 12.71
CA SER M 57 -30.73 29.76 11.70
C SER M 57 -30.55 31.19 12.21
N ASP M 58 -31.09 31.46 13.40
CA ASP M 58 -31.00 32.78 13.99
C ASP M 58 -29.58 33.13 14.40
N ILE M 59 -28.86 32.17 14.97
CA ILE M 59 -27.47 32.38 15.39
C ILE M 59 -26.63 32.68 14.15
N ASP M 60 -26.81 31.85 13.12
CA ASP M 60 -26.14 32.03 11.83
C ASP M 60 -26.37 33.42 11.27
N ASP M 61 -27.62 33.89 11.36
CA ASP M 61 -27.97 35.20 10.84
C ASP M 61 -27.20 36.29 11.53
N ALA M 62 -27.19 36.24 12.86
CA ALA M 62 -26.41 37.17 13.69
C ALA M 62 -24.94 37.16 13.31
N VAL M 63 -24.37 35.98 13.15
CA VAL M 63 -22.96 35.82 12.76
C VAL M 63 -22.67 36.47 11.40
N ARG M 64 -23.59 36.27 10.46
CA ARG M 64 -23.44 36.73 9.07
C ARG M 64 -23.43 38.25 9.00
N LYS M 65 -24.23 38.88 9.85
CA LYS M 65 -24.32 40.33 9.90
C LYS M 65 -23.08 40.99 10.46
N LEU M 66 -22.00 40.23 10.64
CA LEU M 66 -20.69 40.74 11.04
C LEU M 66 -19.68 40.18 10.02
N ALA N 1 -27.46 39.19 18.46
CA ALA N 1 -27.91 39.41 19.90
C ALA N 1 -27.83 38.11 20.76
N MET N 2 -28.86 37.82 21.56
CA MET N 2 -28.91 36.70 22.51
C MET N 2 -30.04 35.72 22.15
N PHE N 3 -29.84 34.46 22.52
CA PHE N 3 -30.74 33.36 22.14
C PHE N 3 -30.72 32.34 23.27
N GLN N 4 -31.88 32.11 23.86
CA GLN N 4 -31.99 31.21 25.00
C GLN N 4 -31.99 29.76 24.57
N ILE N 5 -31.28 28.92 25.29
CA ILE N 5 -31.28 27.48 25.02
C ILE N 5 -31.68 26.63 26.24
N GLY N 6 -32.02 27.26 27.34
CA GLY N 6 -32.43 26.55 28.56
C GLY N 6 -32.62 27.58 29.65
N LYS N 7 -33.07 27.15 30.82
CA LYS N 7 -33.25 28.09 31.91
C LYS N 7 -31.83 28.58 32.19
N MET N 8 -31.64 29.89 32.07
CA MET N 8 -30.40 30.56 32.45
C MET N 8 -29.18 30.22 31.60
N ARG N 9 -29.48 29.82 30.37
CA ARG N 9 -28.44 29.47 29.41
C ARG N 9 -28.72 30.17 28.09
N TYR N 10 -27.73 30.91 27.61
CA TYR N 10 -27.87 31.65 26.37
C TYR N 10 -26.67 31.48 25.44
N VAL N 11 -26.98 31.46 24.14
CA VAL N 11 -26.00 31.65 23.08
C VAL N 11 -26.01 33.12 22.73
N SER N 12 -24.86 33.74 22.75
CA SER N 12 -24.71 35.15 22.41
C SER N 12 -23.81 35.27 21.17
N VAL N 13 -24.20 36.09 20.21
CA VAL N 13 -23.32 36.40 19.07
C VAL N 13 -22.85 37.85 19.19
N ARG N 14 -21.55 38.05 19.35
CA ARG N 14 -20.98 39.38 19.62
C ARG N 14 -19.67 39.59 18.85
N ASP N 15 -19.31 40.86 18.68
CA ASP N 15 -18.01 41.23 18.12
C ASP N 15 -17.10 41.61 19.28
N PHE N 16 -16.00 40.89 19.43
CA PHE N 16 -15.02 41.14 20.50
C PHE N 16 -13.66 41.36 19.86
N LYS N 17 -13.03 42.46 20.29
CA LYS N 17 -12.03 43.17 19.51
C LYS N 17 -12.58 43.17 18.07
N GLY N 18 -11.82 42.65 17.11
CA GLY N 18 -12.27 42.68 15.72
C GLY N 18 -12.93 41.41 15.24
N LYS N 19 -13.25 40.47 16.14
CA LYS N 19 -13.60 39.10 15.76
C LYS N 19 -14.94 38.62 16.33
N VAL N 20 -15.60 37.75 15.58
CA VAL N 20 -16.96 37.28 15.87
C VAL N 20 -16.93 36.05 16.78
N LEU N 21 -17.78 36.02 17.79
CA LEU N 21 -17.85 34.93 18.75
C LEU N 21 -19.25 34.44 18.97
N ILE N 22 -19.45 33.13 18.83
CA ILE N 22 -20.68 32.47 19.18
C ILE N 22 -20.42 31.89 20.57
N ASP N 23 -21.12 32.42 21.55
CA ASP N 23 -20.79 32.15 22.95
C ASP N 23 -21.94 31.41 23.63
N ILE N 24 -21.65 30.19 24.06
CA ILE N 24 -22.61 29.31 24.72
C ILE N 24 -22.28 29.33 26.22
N ARG N 25 -23.23 29.77 27.04
CA ARG N 25 -22.88 30.11 28.43
C ARG N 25 -24.02 30.08 29.44
N GLU N 26 -23.68 29.75 30.70
CA GLU N 26 -24.56 29.89 31.89
C GLU N 26 -24.62 31.34 32.34
N TYR N 27 -25.79 31.79 32.75
CA TYR N 27 -26.01 33.15 33.25
C TYR N 27 -26.66 33.12 34.64
N TRP N 28 -26.23 34.06 35.50
CA TRP N 28 -26.88 34.34 36.76
C TRP N 28 -27.89 35.46 36.53
N MET N 29 -28.90 35.55 37.42
CA MET N 29 -29.76 36.73 37.52
C MET N 29 -29.38 37.58 38.75
N ASP N 30 -29.05 38.85 38.51
CA ASP N 30 -28.67 39.80 39.56
C ASP N 30 -29.92 40.34 40.28
N PRO N 31 -29.73 41.05 41.41
CA PRO N 31 -30.89 41.55 42.18
C PRO N 31 -31.88 42.48 41.44
N GLU N 32 -31.42 43.17 40.40
CA GLU N 32 -32.29 44.02 39.56
C GLU N 32 -32.94 43.24 38.43
N GLY N 33 -32.88 41.90 38.50
CA GLY N 33 -33.45 41.02 37.47
C GLY N 33 -32.73 40.93 36.14
N GLU N 34 -31.50 41.47 36.06
CA GLU N 34 -30.67 41.45 34.85
C GLU N 34 -29.84 40.18 34.81
N MET N 35 -29.74 39.61 33.61
CA MET N 35 -28.96 38.40 33.39
C MET N 35 -27.50 38.79 33.18
N LYS N 36 -26.60 38.05 33.81
CA LYS N 36 -25.17 38.33 33.77
C LYS N 36 -24.40 37.05 33.53
N PRO N 37 -23.37 37.10 32.67
CA PRO N 37 -22.67 35.90 32.27
C PRO N 37 -21.85 35.26 33.40
N GLY N 38 -22.06 33.96 33.60
CA GLY N 38 -21.24 33.12 34.50
C GLY N 38 -19.94 32.67 33.87
N ARG N 39 -19.11 32.03 34.67
CA ARG N 39 -17.79 31.61 34.19
C ARG N 39 -17.85 30.29 33.41
N LYS N 40 -18.93 29.53 33.56
CA LYS N 40 -19.14 28.28 32.79
C LYS N 40 -19.76 28.55 31.43
N GLY N 41 -18.89 28.61 30.43
CA GLY N 41 -19.27 28.90 29.05
C GLY N 41 -18.08 28.73 28.11
N ILE N 42 -18.34 28.94 26.83
CA ILE N 42 -17.27 28.84 25.84
C ILE N 42 -17.57 29.76 24.66
N SER N 43 -16.53 30.45 24.21
CA SER N 43 -16.60 31.29 23.03
C SER N 43 -16.02 30.56 21.84
N LEU N 44 -16.87 30.30 20.85
CA LEU N 44 -16.47 29.65 19.60
C LEU N 44 -16.32 30.72 18.55
N ASN N 45 -15.34 30.56 17.68
CA ASN N 45 -15.29 31.35 16.46
C ASN N 45 -16.17 30.70 15.38
N PRO N 46 -16.43 31.41 14.27
CA PRO N 46 -17.37 30.89 13.26
C PRO N 46 -17.02 29.55 12.70
N GLU N 47 -15.73 29.30 12.53
CA GLU N 47 -15.28 28.00 12.01
C GLU N 47 -15.57 26.86 12.95
N GLN N 48 -15.32 27.06 14.24
CA GLN N 48 -15.62 26.08 15.26
C GLN N 48 -17.12 25.82 15.38
N TRP N 49 -17.90 26.89 15.28
CA TRP N 49 -19.38 26.81 15.23
C TRP N 49 -19.81 25.96 14.06
N SER N 50 -19.20 26.24 12.92
CA SER N 50 -19.49 25.47 11.72
C SER N 50 -19.17 23.99 11.91
N GLN N 51 -17.98 23.69 12.47
CA GLN N 51 -17.56 22.32 12.76
C GLN N 51 -18.53 21.64 13.70
N LEU N 52 -19.05 22.39 14.69
CA LEU N 52 -20.05 21.88 15.62
C LEU N 52 -21.27 21.42 14.86
N LYS N 53 -21.83 22.33 14.06
CA LYS N 53 -23.02 22.04 13.28
C LYS N 53 -22.82 20.88 12.32
N GLU N 54 -21.65 20.83 11.68
CA GLU N 54 -21.36 19.78 10.72
C GLU N 54 -21.40 18.39 11.35
N GLN N 55 -21.14 18.31 12.65
CA GLN N 55 -21.07 17.03 13.36
C GLN N 55 -22.27 16.78 14.24
N ILE N 56 -23.36 17.51 13.97
CA ILE N 56 -24.58 17.36 14.77
C ILE N 56 -25.09 15.96 14.67
N SER N 57 -25.06 15.42 13.45
CA SER N 57 -25.52 14.07 13.19
C SER N 57 -24.83 13.06 14.09
N ASP N 58 -23.51 13.15 14.14
CA ASP N 58 -22.69 12.24 14.93
C ASP N 58 -22.91 12.43 16.42
N ILE N 59 -23.01 13.68 16.85
CA ILE N 59 -23.29 14.03 18.25
C ILE N 59 -24.65 13.45 18.68
N ASP N 60 -25.65 13.69 17.85
CA ASP N 60 -26.99 13.14 18.07
C ASP N 60 -27.02 11.61 18.16
N ASP N 61 -26.25 10.95 17.30
CA ASP N 61 -26.14 9.48 17.33
C ASP N 61 -25.67 9.00 18.71
N ALA N 62 -24.60 9.62 19.18
CA ALA N 62 -24.04 9.33 20.47
C ALA N 62 -25.04 9.55 21.59
N VAL N 63 -25.78 10.64 21.54
CA VAL N 63 -26.76 10.95 22.56
C VAL N 63 -27.86 9.94 22.56
N ARG N 64 -28.19 9.47 21.38
CA ARG N 64 -29.29 8.54 21.20
C ARG N 64 -29.04 7.25 21.94
N LYS N 65 -27.81 6.76 21.86
CA LYS N 65 -27.47 5.55 22.51
C LYS N 65 -27.70 5.75 24.01
N LEU N 66 -27.20 6.82 24.57
CA LEU N 66 -27.31 6.99 26.01
C LEU N 66 -28.75 7.27 26.51
N ALA O 1 24.56 4.00 38.34
CA ALA O 1 24.03 4.49 39.67
C ALA O 1 23.93 6.02 39.71
N MET O 2 24.66 6.71 40.60
CA MET O 2 24.43 8.15 40.90
C MET O 2 25.64 9.02 40.57
N PHE O 3 25.40 10.27 40.21
CA PHE O 3 26.45 11.20 39.73
C PHE O 3 26.14 12.60 40.21
N GLN O 4 27.04 13.17 41.01
CA GLN O 4 26.80 14.47 41.62
C GLN O 4 27.06 15.60 40.65
N ILE O 5 26.17 16.60 40.64
CA ILE O 5 26.36 17.78 39.82
C ILE O 5 26.30 19.09 40.62
N GLY O 6 26.11 19.00 41.93
CA GLY O 6 26.05 20.19 42.81
C GLY O 6 25.76 19.78 44.24
N LYS O 7 25.81 20.74 45.16
CA LYS O 7 25.31 20.53 46.51
C LYS O 7 23.89 20.05 46.36
N MET O 8 23.63 18.84 46.86
CA MET O 8 22.27 18.28 46.97
C MET O 8 21.60 17.99 45.62
N ARG O 9 22.39 17.82 44.56
CA ARG O 9 21.88 17.58 43.19
C ARG O 9 22.58 16.43 42.52
N TYR O 10 21.78 15.48 42.03
CA TYR O 10 22.29 14.27 41.45
C TYR O 10 21.52 13.84 40.24
N VAL O 11 22.30 13.33 39.28
CA VAL O 11 21.81 12.63 38.12
C VAL O 11 21.88 11.14 38.48
N SER O 12 20.78 10.45 38.26
CA SER O 12 20.60 9.05 38.60
C SER O 12 20.27 8.36 37.29
N VAL O 13 20.94 7.27 37.01
CA VAL O 13 20.67 6.46 35.83
C VAL O 13 20.15 5.12 36.34
N ARG O 14 18.90 4.80 36.03
CA ARG O 14 18.21 3.63 36.60
C ARG O 14 17.34 2.98 35.55
N ASP O 15 17.04 1.71 35.77
CA ASP O 15 16.04 0.97 35.01
C ASP O 15 14.72 1.02 35.78
N PHE O 16 13.70 1.62 35.17
CA PHE O 16 12.37 1.74 35.78
C PHE O 16 11.33 1.13 34.83
N LYS O 17 10.50 0.24 35.38
CA LYS O 17 9.85 -0.81 34.64
C LYS O 17 10.92 -1.35 33.69
N GLY O 18 10.66 -1.40 32.39
CA GLY O 18 11.65 -1.95 31.45
C GLY O 18 12.60 -0.96 30.79
N LYS O 19 12.59 0.29 31.26
CA LYS O 19 13.12 1.40 30.49
C LYS O 19 14.11 2.22 31.30
N VAL O 20 15.09 2.79 30.59
CA VAL O 20 16.17 3.54 31.22
C VAL O 20 15.76 5.00 31.37
N LEU O 21 16.11 5.56 32.53
CA LEU O 21 15.84 6.94 32.83
C LEU O 21 17.07 7.66 33.35
N ILE O 22 17.36 8.81 32.76
CA ILE O 22 18.39 9.70 33.24
C ILE O 22 17.63 10.77 34.03
N ASP O 23 17.80 10.73 35.35
CA ASP O 23 17.03 11.57 36.24
C ASP O 23 17.88 12.66 36.90
N ILE O 24 17.59 13.91 36.58
CA ILE O 24 18.32 15.06 37.10
C ILE O 24 17.43 15.66 38.20
N ARG O 25 17.94 15.74 39.43
CA ARG O 25 17.06 16.01 40.57
C ARG O 25 17.75 16.61 41.79
N GLU O 26 17.00 17.47 42.47
CA GLU O 26 17.34 17.98 43.78
C GLU O 26 17.05 16.93 44.88
N TYR O 27 17.90 16.86 45.91
CA TYR O 27 17.73 15.94 47.03
C TYR O 27 17.76 16.71 48.35
N TRP O 28 16.95 16.29 49.30
CA TRP O 28 17.00 16.76 50.70
C TRP O 28 17.86 15.76 51.47
N MET O 29 18.36 16.21 52.62
CA MET O 29 18.89 15.30 53.64
C MET O 29 17.87 15.17 54.79
N ASP O 30 17.52 13.94 55.17
CA ASP O 30 16.59 13.69 56.26
C ASP O 30 17.34 13.74 57.60
N PRO O 31 16.60 13.75 58.74
CA PRO O 31 17.24 13.84 60.07
C PRO O 31 18.25 12.71 60.43
N GLU O 32 18.16 11.56 59.75
CA GLU O 32 19.12 10.47 59.95
C GLU O 32 20.34 10.62 59.01
N GLY O 33 20.43 11.73 58.30
CA GLY O 33 21.55 11.96 57.38
C GLY O 33 21.44 11.27 56.02
N GLU O 34 20.30 10.67 55.72
CA GLU O 34 20.06 10.03 54.42
C GLU O 34 19.55 11.05 53.40
N MET O 35 20.07 10.95 52.18
CA MET O 35 19.63 11.79 51.05
C MET O 35 18.33 11.24 50.47
N LYS O 36 17.39 12.12 50.14
CA LYS O 36 16.07 11.72 49.66
C LYS O 36 15.64 12.60 48.49
N PRO O 37 14.98 12.01 47.47
CA PRO O 37 14.69 12.78 46.28
C PRO O 37 13.62 13.85 46.49
N GLY O 38 13.90 15.09 46.11
CA GLY O 38 12.93 16.18 46.16
C GLY O 38 12.05 16.20 44.94
N ARG O 39 11.03 17.05 44.95
CA ARG O 39 10.06 17.10 43.85
C ARG O 39 10.56 17.86 42.62
N LYS O 40 11.58 18.72 42.78
CA LYS O 40 12.19 19.43 41.64
C LYS O 40 13.27 18.58 40.94
N GLY O 41 12.81 17.91 39.88
CA GLY O 41 13.64 17.06 39.06
C GLY O 41 12.89 16.71 37.79
N ILE O 42 13.55 15.95 36.93
CA ILE O 42 12.99 15.51 35.66
C ILE O 42 13.63 14.20 35.26
N SER O 43 12.79 13.25 34.80
CA SER O 43 13.22 11.95 34.26
C SER O 43 13.22 12.00 32.74
N LEU O 44 14.42 11.90 32.16
CA LEU O 44 14.60 11.93 30.73
C LEU O 44 14.85 10.52 30.27
N ASN O 45 14.35 10.18 29.08
CA ASN O 45 14.72 8.91 28.45
C ASN O 45 16.01 9.14 27.65
N PRO O 46 16.67 8.08 27.20
CA PRO O 46 17.95 8.26 26.53
C PRO O 46 17.92 9.16 25.28
N GLU O 47 16.81 9.14 24.54
CA GLU O 47 16.69 10.00 23.37
C GLU O 47 16.69 11.50 23.74
N GLN O 48 15.93 11.82 24.78
CA GLN O 48 15.86 13.19 25.29
C GLN O 48 17.18 13.66 25.89
N TRP O 49 17.86 12.76 26.62
CA TRP O 49 19.22 12.99 27.13
C TRP O 49 20.15 13.32 25.98
N SER O 50 20.07 12.51 24.93
CA SER O 50 20.87 12.72 23.75
C SER O 50 20.62 14.10 23.14
N GLN O 51 19.35 14.45 23.01
CA GLN O 51 18.97 15.74 22.46
C GLN O 51 19.44 16.89 23.36
N LEU O 52 19.50 16.68 24.66
CA LEU O 52 20.00 17.70 25.58
C LEU O 52 21.46 17.96 25.27
N LYS O 53 22.23 16.89 25.18
CA LYS O 53 23.65 17.01 24.86
C LYS O 53 23.87 17.67 23.50
N GLU O 54 23.06 17.30 22.54
CA GLU O 54 23.16 17.90 21.20
C GLU O 54 22.91 19.40 21.18
N GLN O 55 22.18 19.91 22.18
CA GLN O 55 21.90 21.35 22.33
C GLN O 55 22.79 22.14 23.26
N ILE O 56 23.86 21.49 23.75
CA ILE O 56 24.76 22.08 24.74
C ILE O 56 25.35 23.38 24.24
N SER O 57 25.83 23.33 23.01
CA SER O 57 26.45 24.49 22.38
C SER O 57 25.54 25.71 22.38
N ASP O 58 24.30 25.50 21.98
CA ASP O 58 23.33 26.58 21.92
C ASP O 58 22.92 27.06 23.28
N ILE O 59 22.76 26.15 24.23
CA ILE O 59 22.44 26.49 25.62
C ILE O 59 23.59 27.36 26.18
N ASP O 60 24.83 26.90 25.97
CA ASP O 60 26.00 27.64 26.42
C ASP O 60 26.07 29.03 25.84
N ASP O 61 25.75 29.13 24.55
CA ASP O 61 25.72 30.42 23.84
C ASP O 61 24.74 31.37 24.50
N ALA O 62 23.53 30.90 24.77
CA ALA O 62 22.49 31.67 25.48
C ALA O 62 22.96 32.15 26.83
N VAL O 63 23.58 31.25 27.60
CA VAL O 63 24.09 31.59 28.94
C VAL O 63 25.15 32.69 28.84
N ARG O 64 26.01 32.58 27.84
CA ARG O 64 27.13 33.50 27.64
C ARG O 64 26.70 34.92 27.24
N LYS O 65 25.60 35.02 26.48
CA LYS O 65 25.00 36.29 26.12
C LYS O 65 24.39 37.06 27.29
N LEU O 66 24.55 36.54 28.51
CA LEU O 66 24.10 37.19 29.73
C LEU O 66 25.34 37.23 30.66
N ALA P 1 16.72 31.89 24.87
CA ALA P 1 15.27 31.49 24.86
C ALA P 1 15.09 29.96 25.17
N MET P 2 14.47 29.20 24.25
CA MET P 2 14.01 27.82 24.47
C MET P 2 14.67 26.85 23.51
N PHE P 3 14.88 25.60 23.95
CA PHE P 3 15.60 24.56 23.15
C PHE P 3 14.96 23.19 23.43
N GLN P 4 14.42 22.55 22.41
CA GLN P 4 13.56 21.37 22.61
C GLN P 4 14.37 20.11 22.72
N ILE P 5 14.00 19.24 23.65
CA ILE P 5 14.72 17.98 23.84
C ILE P 5 13.84 16.74 23.79
N GLY P 6 12.54 16.96 23.62
CA GLY P 6 11.55 15.88 23.55
C GLY P 6 10.20 16.44 23.16
N LYS P 7 9.19 15.58 23.11
CA LYS P 7 7.90 16.05 22.62
C LYS P 7 7.34 17.21 23.40
N MET P 8 7.45 17.16 24.71
CA MET P 8 6.92 18.25 25.51
C MET P 8 7.97 18.69 26.50
N ARG P 9 9.22 18.65 26.09
CA ARG P 9 10.30 18.97 27.04
C ARG P 9 11.19 20.04 26.47
N TYR P 10 11.55 21.02 27.28
CA TYR P 10 12.44 22.07 26.84
C TYR P 10 13.46 22.43 27.89
N VAL P 11 14.63 22.83 27.40
CA VAL P 11 15.65 23.49 28.18
C VAL P 11 15.44 24.97 27.91
N SER P 12 15.38 25.74 28.98
CA SER P 12 15.17 27.18 28.88
C SER P 12 16.33 27.85 29.55
N VAL P 13 16.86 28.88 28.89
CA VAL P 13 17.92 29.69 29.45
C VAL P 13 17.33 31.06 29.73
N ARG P 14 17.30 31.42 31.00
CA ARG P 14 16.64 32.65 31.43
C ARG P 14 17.49 33.39 32.47
N ASP P 15 17.26 34.70 32.52
CA ASP P 15 17.72 35.56 33.62
C ASP P 15 16.58 35.65 34.64
N PHE P 16 16.82 35.17 35.85
CA PHE P 16 15.84 35.16 36.94
C PHE P 16 16.48 35.87 38.13
N LYS P 17 15.83 36.93 38.58
CA LYS P 17 16.31 37.76 39.70
C LYS P 17 17.84 38.04 39.72
N GLY P 18 18.41 38.50 38.59
CA GLY P 18 19.84 38.83 38.50
C GLY P 18 20.78 37.70 38.05
N LYS P 19 20.29 36.46 38.02
CA LYS P 19 21.14 35.27 37.81
C LYS P 19 20.65 34.38 36.67
N VAL P 20 21.60 33.69 36.02
CA VAL P 20 21.30 32.80 34.89
C VAL P 20 20.94 31.40 35.38
N LEU P 21 19.90 30.83 34.75
CA LEU P 21 19.42 29.51 35.06
C LEU P 21 19.19 28.68 33.79
N ILE P 22 19.71 27.46 33.81
CA ILE P 22 19.46 26.49 32.75
C ILE P 22 18.39 25.58 33.32
N ASP P 23 17.20 25.66 32.73
CA ASP P 23 16.03 25.00 33.24
C ASP P 23 15.57 23.87 32.30
N ILE P 24 15.65 22.65 32.80
CA ILE P 24 15.27 21.45 32.05
C ILE P 24 13.91 21.00 32.57
N ARG P 25 12.88 20.97 31.72
CA ARG P 25 11.49 20.89 32.22
C ARG P 25 10.44 20.33 31.26
N GLU P 26 9.41 19.70 31.83
CA GLU P 26 8.16 19.30 31.15
C GLU P 26 7.22 20.50 30.93
N TYR P 27 6.58 20.58 29.78
CA TYR P 27 5.61 21.64 29.47
C TYR P 27 4.25 21.06 29.06
N TRP P 28 3.17 21.72 29.49
CA TRP P 28 1.84 21.51 28.94
C TRP P 28 1.65 22.45 27.76
N MET P 29 0.71 22.10 26.86
CA MET P 29 0.21 23.05 25.87
C MET P 29 -1.19 23.53 26.28
N ASP P 30 -1.37 24.86 26.34
CA ASP P 30 -2.66 25.45 26.72
C ASP P 30 -3.62 25.50 25.51
N PRO P 31 -4.91 25.82 25.74
CA PRO P 31 -5.88 25.89 24.65
C PRO P 31 -5.60 26.88 23.53
N GLU P 32 -4.78 27.91 23.77
CA GLU P 32 -4.30 28.84 22.73
C GLU P 32 -3.08 28.32 21.99
N GLY P 33 -2.69 27.06 22.25
CA GLY P 33 -1.52 26.44 21.62
C GLY P 33 -0.17 26.87 22.16
N GLU P 34 -0.16 27.61 23.26
CA GLU P 34 1.06 28.11 23.88
C GLU P 34 1.56 27.06 24.87
N MET P 35 2.88 26.89 24.92
CA MET P 35 3.51 26.00 25.88
C MET P 35 3.61 26.71 27.23
N LYS P 36 3.32 25.97 28.31
CA LYS P 36 3.41 26.48 29.68
C LYS P 36 4.13 25.48 30.57
N PRO P 37 4.96 25.97 31.51
CA PRO P 37 5.81 25.07 32.26
C PRO P 37 5.04 24.26 33.28
N GLY P 38 5.23 22.94 33.26
CA GLY P 38 4.69 22.06 34.30
C GLY P 38 5.61 21.97 35.52
N ARG P 39 5.18 21.16 36.50
CA ARG P 39 5.87 21.04 37.78
C ARG P 39 7.17 20.20 37.73
N LYS P 40 7.29 19.29 36.76
CA LYS P 40 8.42 18.37 36.68
C LYS P 40 9.58 18.96 35.86
N GLY P 41 10.49 19.60 36.57
CA GLY P 41 11.66 20.22 35.97
C GLY P 41 12.67 20.59 37.03
N ILE P 42 13.80 21.14 36.61
CA ILE P 42 14.87 21.52 37.54
C ILE P 42 15.61 22.73 36.99
N SER P 43 15.87 23.70 37.86
CA SER P 43 16.66 24.87 37.54
C SER P 43 18.08 24.68 38.06
N LEU P 44 19.03 24.69 37.12
CA LEU P 44 20.42 24.56 37.43
C LEU P 44 21.06 25.91 37.17
N ASN P 45 22.03 26.28 38.00
CA ASN P 45 22.88 27.43 37.71
C ASN P 45 24.04 26.97 36.77
N PRO P 46 24.79 27.92 36.18
CA PRO P 46 25.87 27.59 35.26
C PRO P 46 26.92 26.60 35.76
N GLU P 47 27.26 26.67 37.05
CA GLU P 47 28.24 25.77 37.71
C GLU P 47 27.72 24.32 37.72
N GLN P 48 26.46 24.16 38.11
CA GLN P 48 25.81 22.85 38.16
C GLN P 48 25.66 22.23 36.76
N TRP P 49 25.28 23.09 35.82
CA TRP P 49 25.18 22.72 34.42
C TRP P 49 26.54 22.23 33.91
N SER P 50 27.59 22.96 34.27
CA SER P 50 28.96 22.58 33.93
C SER P 50 29.30 21.21 34.47
N GLN P 51 28.93 20.95 35.71
CA GLN P 51 29.16 19.66 36.32
C GLN P 51 28.40 18.55 35.64
N LEU P 52 27.20 18.88 35.14
CA LEU P 52 26.41 17.92 34.40
C LEU P 52 27.14 17.52 33.14
N LYS P 53 27.55 18.52 32.37
CA LYS P 53 28.32 18.30 31.16
C LYS P 53 29.61 17.52 31.42
N GLU P 54 30.35 17.86 32.46
CA GLU P 54 31.60 17.15 32.79
C GLU P 54 31.40 15.67 33.06
N GLN P 55 30.20 15.27 33.49
CA GLN P 55 29.87 13.88 33.82
C GLN P 55 29.13 13.13 32.74
N ILE P 56 29.08 13.72 31.53
CA ILE P 56 28.36 13.13 30.42
C ILE P 56 28.86 11.74 30.12
N SER P 57 30.17 11.61 30.06
CA SER P 57 30.85 10.36 29.77
C SER P 57 30.43 9.26 30.72
N ASP P 58 30.45 9.56 32.01
CA ASP P 58 30.09 8.58 33.04
C ASP P 58 28.62 8.23 33.01
N ILE P 59 27.77 9.24 32.83
CA ILE P 59 26.31 9.07 32.67
C ILE P 59 26.02 8.17 31.47
N ASP P 60 26.62 8.53 30.32
CA ASP P 60 26.48 7.76 29.11
C ASP P 60 26.89 6.30 29.31
N ASP P 61 27.97 6.07 30.05
CA ASP P 61 28.42 4.70 30.32
C ASP P 61 27.38 3.90 31.09
N ALA P 62 26.86 4.48 32.16
CA ALA P 62 25.79 3.90 32.94
C ALA P 62 24.59 3.54 32.06
N VAL P 63 24.15 4.49 31.23
CA VAL P 63 23.01 4.29 30.32
C VAL P 63 23.26 3.17 29.32
N ARG P 64 24.49 3.08 28.83
CA ARG P 64 24.85 2.07 27.84
C ARG P 64 24.85 0.67 28.39
N LYS P 65 25.23 0.54 29.67
CA LYS P 65 25.19 -0.76 30.36
C LYS P 65 23.76 -1.23 30.69
N LEU P 66 22.76 -0.58 30.11
CA LEU P 66 21.37 -0.96 30.15
C LEU P 66 20.88 -0.93 28.66
#